data_6NKB
#
_entry.id   6NKB
#
_cell.length_a   54.800
_cell.length_b   105.200
_cell.length_c   154.190
_cell.angle_alpha   90.000
_cell.angle_beta   90.000
_cell.angle_gamma   90.000
#
_symmetry.space_group_name_H-M   'P 21 21 21'
#
loop_
_entity.id
_entity.type
_entity.pdbx_description
1 polymer 'ATP-dependent dethiobiotin synthetase BioD'
2 non-polymer 'DEOXYCYTIDINE DIPHOSPHATE'
3 non-polymer 'MAGNESIUM ION'
4 water water
#
_entity_poly.entity_id   1
_entity_poly.type   'polypeptide(L)'
_entity_poly.pdbx_seq_one_letter_code
;HHHHHHGGTILVVTGTGTGVGKTVVCAALASAARQAGIDVAVCKPVQTGTARGDDDLAEVGRLAGVTQLAGLARYPQPMA
PAAAAEHAGMALPARDQIVRLIADLDRPGRLTLVEGAGGLLVELAEPGVTLRDVAVDVAAAALVVVTADLGTLNHTKLTL
EALAAQQVSCAGLVIGSWPDPPGLVAASNRSALARIAMVRAALPAGAASLDAGDFAAMSAAAFDRNWVAGLVG
;
_entity_poly.pdbx_strand_id   A,B,C,D
#
# COMPACT_ATOMS: atom_id res chain seq x y z
N GLY A 7 -13.75 4.46 18.76
CA GLY A 7 -13.48 5.76 18.15
C GLY A 7 -14.10 6.00 16.77
N GLY A 8 -13.81 7.15 16.19
CA GLY A 8 -14.19 7.46 14.84
C GLY A 8 -13.02 7.30 13.88
N THR A 9 -12.99 8.13 12.86
CA THR A 9 -11.89 8.13 11.90
C THR A 9 -11.05 9.40 12.06
N ILE A 10 -9.74 9.22 12.23
CA ILE A 10 -8.79 10.31 12.32
C ILE A 10 -7.96 10.32 11.04
N LEU A 11 -7.90 11.48 10.39
CA LEU A 11 -7.08 11.73 9.21
C LEU A 11 -6.13 12.89 9.49
N VAL A 12 -4.82 12.63 9.41
CA VAL A 12 -3.88 13.74 9.38
C VAL A 12 -3.83 14.26 7.95
N VAL A 13 -3.91 15.59 7.79
CA VAL A 13 -3.83 16.20 6.47
C VAL A 13 -2.49 16.90 6.39
N THR A 14 -1.61 16.36 5.58
CA THR A 14 -0.24 16.82 5.45
C THR A 14 -0.04 17.26 4.00
N GLY A 15 1.12 17.84 3.73
CA GLY A 15 1.38 18.34 2.39
C GLY A 15 2.84 18.21 2.03
N THR A 16 3.10 18.23 0.72
CA THR A 16 4.46 18.17 0.20
C THR A 16 5.28 19.41 0.55
N GLY A 17 4.62 20.51 0.91
CA GLY A 17 5.35 21.72 1.24
C GLY A 17 4.43 22.70 1.93
N THR A 18 4.90 23.93 2.07
CA THR A 18 4.08 24.99 2.62
C THR A 18 3.25 25.63 1.52
N GLY A 19 2.06 26.10 1.89
CA GLY A 19 1.20 26.80 0.94
C GLY A 19 0.71 25.97 -0.23
N VAL A 20 0.56 24.65 -0.05
CA VAL A 20 0.04 23.79 -1.09
C VAL A 20 -1.48 23.64 -1.01
N GLY A 21 -2.10 24.22 0.00
CA GLY A 21 -3.53 24.13 0.16
C GLY A 21 -4.04 23.16 1.22
N LYS A 22 -3.24 22.82 2.23
CA LYS A 22 -3.74 21.93 3.28
C LYS A 22 -5.00 22.49 3.93
N THR A 23 -5.00 23.79 4.24
CA THR A 23 -6.13 24.39 4.93
C THR A 23 -7.39 24.40 4.07
N VAL A 24 -7.27 24.73 2.79
CA VAL A 24 -8.42 24.67 1.91
C VAL A 24 -8.94 23.24 1.79
N VAL A 25 -8.04 22.26 1.79
CA VAL A 25 -8.46 20.86 1.66
C VAL A 25 -9.22 20.41 2.89
N CYS A 26 -8.70 20.72 4.08
CA CYS A 26 -9.42 20.46 5.32
C CYS A 26 -10.84 21.01 5.24
N ALA A 27 -10.98 22.30 4.93
CA ALA A 27 -12.30 22.92 4.82
C ALA A 27 -13.16 22.22 3.78
N ALA A 28 -12.56 21.83 2.66
CA ALA A 28 -13.33 21.22 1.58
C ALA A 28 -13.75 19.78 1.93
N LEU A 29 -12.83 18.99 2.49
CA LEU A 29 -13.21 17.64 2.89
C LEU A 29 -14.18 17.70 4.06
N ALA A 30 -13.97 18.62 5.01
CA ALA A 30 -14.95 18.82 6.07
C ALA A 30 -16.32 19.15 5.50
N SER A 31 -16.36 20.03 4.50
CA SER A 31 -17.65 20.44 3.95
C SER A 31 -18.37 19.27 3.30
N ALA A 32 -17.65 18.47 2.51
CA ALA A 32 -18.26 17.33 1.84
C ALA A 32 -18.75 16.29 2.86
N ALA A 33 -17.96 16.03 3.91
CA ALA A 33 -18.38 15.12 4.96
C ALA A 33 -19.59 15.66 5.70
N ARG A 34 -19.60 16.96 5.99
CA ARG A 34 -20.76 17.54 6.68
C ARG A 34 -22.03 17.40 5.85
N GLN A 35 -21.92 17.63 4.54
CA GLN A 35 -23.08 17.48 3.67
C GLN A 35 -23.55 16.04 3.59
N ALA A 36 -22.67 15.07 3.82
CA ALA A 36 -23.08 13.68 3.88
C ALA A 36 -23.65 13.28 5.24
N GLY A 37 -23.91 14.23 6.14
CA GLY A 37 -24.40 13.88 7.45
C GLY A 37 -23.32 13.52 8.46
N ILE A 38 -22.05 13.68 8.12
CA ILE A 38 -20.95 13.21 8.96
C ILE A 38 -20.52 14.32 9.89
N ASP A 39 -20.43 14.01 11.19
CA ASP A 39 -19.91 14.98 12.13
C ASP A 39 -18.40 15.17 11.93
N VAL A 40 -17.96 16.42 11.87
CA VAL A 40 -16.58 16.76 11.52
C VAL A 40 -15.96 17.59 12.65
N ALA A 41 -14.69 17.30 12.94
CA ALA A 41 -13.87 18.11 13.81
C ALA A 41 -12.56 18.39 13.09
N VAL A 42 -12.04 19.60 13.23
CA VAL A 42 -10.79 19.99 12.62
C VAL A 42 -9.87 20.51 13.71
N CYS A 43 -8.66 20.00 13.77
CA CYS A 43 -7.75 20.45 14.82
C CYS A 43 -6.41 20.80 14.20
N LYS A 44 -5.76 21.80 14.80
CA LYS A 44 -4.50 22.38 14.34
C LYS A 44 -3.58 22.44 15.55
N PRO A 45 -2.81 21.37 15.80
CA PRO A 45 -2.01 21.31 17.02
C PRO A 45 -0.90 22.34 17.09
N VAL A 46 -0.34 22.80 15.97
CA VAL A 46 0.74 23.77 15.99
C VAL A 46 0.47 24.81 14.90
N GLN A 47 0.27 26.06 15.32
CA GLN A 47 -0.02 27.18 14.43
C GLN A 47 1.06 28.23 14.63
N THR A 48 1.74 28.60 13.54
CA THR A 48 2.67 29.72 13.55
C THR A 48 2.12 30.85 12.69
N GLY A 49 2.86 31.97 12.67
CA GLY A 49 2.46 33.17 11.94
C GLY A 49 1.28 33.95 12.51
N THR A 50 0.93 33.76 13.79
CA THR A 50 -0.30 34.40 14.27
C THR A 50 -0.19 35.92 14.34
N ALA A 51 1.04 36.46 14.38
CA ALA A 51 1.23 37.90 14.37
C ALA A 51 1.10 38.52 12.99
N ARG A 52 0.86 37.73 11.94
CA ARG A 52 0.36 38.27 10.68
C ARG A 52 -1.05 37.81 10.36
N GLY A 53 -1.77 37.27 11.33
CA GLY A 53 -3.14 36.89 11.07
C GLY A 53 -3.33 35.47 10.63
N ASP A 54 -2.25 34.68 10.57
CA ASP A 54 -2.36 33.27 10.19
C ASP A 54 -3.18 32.51 11.22
N ASP A 55 -4.30 31.93 10.78
CA ASP A 55 -5.17 31.20 11.70
C ASP A 55 -5.99 30.20 10.87
N ASP A 56 -5.44 28.99 10.72
CA ASP A 56 -6.06 27.98 9.86
C ASP A 56 -7.39 27.51 10.40
N LEU A 57 -7.50 27.28 11.71
CA LEU A 57 -8.78 26.89 12.27
C LEU A 57 -9.85 27.92 11.93
N ALA A 58 -9.52 29.21 12.07
CA ALA A 58 -10.48 30.26 11.81
C ALA A 58 -10.87 30.31 10.33
N GLU A 59 -9.96 29.89 9.45
CA GLU A 59 -10.25 29.89 8.02
C GLU A 59 -11.10 28.68 7.63
N VAL A 60 -10.80 27.50 8.18
CA VAL A 60 -11.68 26.35 8.00
C VAL A 60 -13.09 26.69 8.48
N GLY A 61 -13.18 27.41 9.60
CA GLY A 61 -14.48 27.82 10.09
C GLY A 61 -15.16 28.81 9.16
N ARG A 62 -14.38 29.75 8.59
CA ARG A 62 -14.96 30.71 7.66
C ARG A 62 -15.46 30.03 6.41
N LEU A 63 -14.70 29.05 5.91
CA LEU A 63 -14.95 28.48 4.59
C LEU A 63 -16.01 27.40 4.61
N ALA A 64 -16.02 26.57 5.65
CA ALA A 64 -16.91 25.40 5.69
C ALA A 64 -17.95 25.46 6.79
N GLY A 65 -17.93 26.50 7.62
CA GLY A 65 -18.84 26.55 8.76
C GLY A 65 -18.57 25.56 9.87
N VAL A 66 -17.43 24.85 9.84
CA VAL A 66 -17.07 23.95 10.93
C VAL A 66 -16.96 24.75 12.22
N THR A 67 -17.56 24.24 13.29
CA THR A 67 -17.46 24.89 14.60
C THR A 67 -16.64 24.10 15.61
N GLN A 68 -16.45 22.80 15.40
CA GLN A 68 -15.67 21.98 16.33
C GLN A 68 -14.21 22.07 15.88
N LEU A 69 -13.51 23.07 16.42
CA LEU A 69 -12.16 23.45 16.04
C LEU A 69 -11.30 23.46 17.28
N ALA A 70 -10.10 22.89 17.20
CA ALA A 70 -9.27 22.72 18.39
C ALA A 70 -7.81 23.02 18.07
N GLY A 71 -7.24 23.98 18.80
CA GLY A 71 -5.84 24.32 18.70
C GLY A 71 -5.09 23.96 19.98
N LEU A 72 -3.78 24.13 19.93
CA LEU A 72 -2.96 23.89 21.11
C LEU A 72 -1.84 24.92 21.19
N ALA A 73 -0.88 24.84 20.30
CA ALA A 73 0.27 25.73 20.31
C ALA A 73 0.09 26.83 19.28
N ARG A 74 0.41 28.06 19.67
CA ARG A 74 0.32 29.22 18.80
C ARG A 74 1.56 30.09 18.98
N TYR A 75 2.25 30.36 17.87
CA TYR A 75 3.45 31.17 17.85
C TYR A 75 3.32 32.34 16.88
N PRO A 76 3.79 33.53 17.27
CA PRO A 76 3.59 34.74 16.45
C PRO A 76 4.32 34.75 15.10
N GLN A 77 5.60 34.37 15.09
CA GLN A 77 6.42 34.56 13.89
C GLN A 77 6.12 33.50 12.84
N PRO A 78 6.20 33.85 11.55
CA PRO A 78 5.88 32.89 10.48
C PRO A 78 7.09 32.05 10.07
N MET A 79 7.48 31.14 10.96
CA MET A 79 8.65 30.28 10.79
C MET A 79 8.23 28.86 11.07
N ALA A 80 9.15 27.91 10.86
CA ALA A 80 8.94 26.55 11.31
C ALA A 80 8.58 26.60 12.80
N PRO A 81 7.73 25.69 13.26
CA PRO A 81 7.35 25.70 14.68
C PRO A 81 8.52 25.83 15.64
N ALA A 82 9.59 25.07 15.42
CA ALA A 82 10.75 25.09 16.31
C ALA A 82 11.39 26.48 16.36
N ALA A 83 11.55 27.12 15.21
CA ALA A 83 12.13 28.45 15.21
C ALA A 83 11.15 29.50 15.70
N ALA A 84 9.84 29.29 15.50
CA ALA A 84 8.88 30.28 15.96
C ALA A 84 8.74 30.25 17.47
N ALA A 85 8.87 29.06 18.08
CA ALA A 85 8.89 28.98 19.53
C ALA A 85 10.12 29.68 20.09
N GLU A 86 11.32 29.33 19.58
CA GLU A 86 12.55 29.98 20.03
C GLU A 86 12.44 31.49 19.95
N HIS A 87 11.86 32.02 18.87
CA HIS A 87 11.75 33.47 18.75
C HIS A 87 10.88 34.07 19.84
N ALA A 88 9.83 33.37 20.25
CA ALA A 88 8.89 33.90 21.23
C ALA A 88 9.27 33.55 22.66
N GLY A 89 10.36 32.79 22.86
CA GLY A 89 10.72 32.28 24.17
C GLY A 89 9.75 31.25 24.73
N MET A 90 9.18 30.41 23.88
CA MET A 90 8.24 29.39 24.33
C MET A 90 8.74 28.00 23.92
N ALA A 91 8.12 26.98 24.50
CA ALA A 91 8.47 25.60 24.16
C ALA A 91 7.52 25.03 23.13
N LEU A 92 8.02 24.09 22.34
CA LEU A 92 7.11 23.24 21.58
C LEU A 92 6.29 22.38 22.55
N PRO A 93 5.06 22.01 22.16
CA PRO A 93 4.30 21.07 22.98
C PRO A 93 4.99 19.71 23.04
N ALA A 94 4.64 18.96 24.07
CA ALA A 94 5.17 17.61 24.13
C ALA A 94 4.32 16.70 23.25
N ARG A 95 4.91 15.58 22.82
CA ARG A 95 4.22 14.65 21.94
C ARG A 95 2.87 14.25 22.51
N ASP A 96 2.82 13.93 23.81
CA ASP A 96 1.56 13.47 24.42
C ASP A 96 0.50 14.57 24.49
N GLN A 97 0.92 15.84 24.50
CA GLN A 97 -0.04 16.95 24.45
C GLN A 97 -0.73 17.03 23.09
N ILE A 98 -0.03 16.70 22.01
CA ILE A 98 -0.68 16.68 20.71
C ILE A 98 -1.68 15.54 20.61
N VAL A 99 -1.30 14.36 21.12
CA VAL A 99 -2.17 13.19 21.06
C VAL A 99 -3.43 13.41 21.91
N ARG A 100 -3.27 14.03 23.09
CA ARG A 100 -4.43 14.33 23.92
C ARG A 100 -5.41 15.24 23.18
N LEU A 101 -4.90 16.26 22.51
CA LEU A 101 -5.75 17.18 21.76
C LEU A 101 -6.63 16.42 20.76
N ILE A 102 -6.06 15.40 20.11
CA ILE A 102 -6.76 14.64 19.06
C ILE A 102 -7.67 13.60 19.67
N ALA A 103 -7.18 12.88 20.69
CA ALA A 103 -7.99 11.86 21.34
C ALA A 103 -9.22 12.45 22.02
N ASP A 104 -9.17 13.71 22.44
CA ASP A 104 -10.35 14.31 23.07
C ASP A 104 -11.44 14.61 22.06
N LEU A 105 -11.10 14.70 20.77
CA LEU A 105 -12.09 14.97 19.73
C LEU A 105 -12.62 13.69 19.11
N ASP A 106 -11.81 12.64 19.10
CA ASP A 106 -12.18 11.39 18.47
C ASP A 106 -13.47 10.84 19.08
N ARG A 107 -14.41 10.43 18.22
CA ARG A 107 -15.72 9.98 18.67
C ARG A 107 -16.34 9.17 17.55
N PRO A 108 -17.08 8.10 17.85
CA PRO A 108 -17.67 7.29 16.77
C PRO A 108 -18.59 8.10 15.88
N GLY A 109 -18.56 7.80 14.59
CA GLY A 109 -19.27 8.55 13.59
C GLY A 109 -18.68 9.90 13.25
N ARG A 110 -17.58 10.30 13.88
CA ARG A 110 -16.96 11.58 13.61
C ARG A 110 -15.72 11.42 12.73
N LEU A 111 -15.57 12.34 11.78
CA LEU A 111 -14.33 12.50 11.01
C LEU A 111 -13.52 13.62 11.66
N THR A 112 -12.38 13.26 12.25
CA THR A 112 -11.51 14.25 12.88
C THR A 112 -10.30 14.48 11.99
N LEU A 113 -10.12 15.72 11.53
CA LEU A 113 -9.02 16.10 10.66
C LEU A 113 -7.92 16.82 11.45
N VAL A 114 -6.68 16.38 11.25
CA VAL A 114 -5.52 16.96 11.94
C VAL A 114 -4.60 17.58 10.88
N GLU A 115 -4.60 18.93 10.81
CA GLU A 115 -3.74 19.63 9.87
C GLU A 115 -2.36 19.86 10.46
N GLY A 116 -1.32 19.41 9.75
CA GLY A 116 0.04 19.66 10.14
C GLY A 116 0.45 21.12 9.90
N ALA A 117 1.77 21.34 9.97
CA ALA A 117 2.37 22.67 10.05
C ALA A 117 3.42 22.96 8.97
N GLY A 118 3.24 22.47 7.73
CA GLY A 118 4.12 22.79 6.63
C GLY A 118 5.01 21.68 6.04
N GLY A 119 4.52 20.45 6.05
CA GLY A 119 5.30 19.33 5.54
C GLY A 119 5.35 18.21 6.55
N LEU A 120 5.50 16.98 6.05
CA LEU A 120 5.27 15.80 6.87
C LEU A 120 6.33 15.63 7.97
N LEU A 121 7.59 16.00 7.70
CA LEU A 121 8.65 15.80 8.71
C LEU A 121 9.03 17.09 9.45
N VAL A 122 8.20 18.14 9.37
CA VAL A 122 8.40 19.33 10.20
C VAL A 122 8.31 18.95 11.67
N GLU A 123 9.25 19.44 12.49
CA GLU A 123 9.26 19.06 13.90
C GLU A 123 8.10 19.73 14.64
N LEU A 124 7.20 18.94 15.19
CA LEU A 124 6.05 19.47 15.93
C LEU A 124 6.23 19.44 17.43
N ALA A 125 6.95 18.45 17.95
CA ALA A 125 7.23 18.30 19.36
C ALA A 125 8.71 17.98 19.53
N GLU A 126 9.20 18.20 20.75
CA GLU A 126 10.56 17.73 20.97
C GLU A 126 10.55 16.28 21.43
N PRO A 127 11.57 15.49 21.05
CA PRO A 127 12.69 15.90 20.20
C PRO A 127 12.55 15.40 18.77
N GLY A 128 12.37 16.30 17.82
CA GLY A 128 12.20 15.88 16.43
C GLY A 128 10.97 15.05 16.15
N VAL A 129 10.01 15.00 17.09
CA VAL A 129 8.73 14.35 16.87
C VAL A 129 7.98 15.07 15.75
N THR A 130 7.36 14.29 14.85
CA THR A 130 6.66 14.87 13.71
C THR A 130 5.22 14.38 13.64
N LEU A 131 4.48 14.96 12.68
CA LEU A 131 3.11 14.56 12.38
C LEU A 131 3.03 13.08 12.00
N ARG A 132 4.10 12.53 11.45
CA ARG A 132 4.13 11.09 11.17
C ARG A 132 4.10 10.27 12.47
N ASP A 133 4.88 10.68 13.48
CA ASP A 133 4.82 10.00 14.77
C ASP A 133 3.43 10.10 15.38
N VAL A 134 2.83 11.30 15.31
CA VAL A 134 1.49 11.52 15.84
C VAL A 134 0.50 10.59 15.16
N ALA A 135 0.61 10.46 13.84
CA ALA A 135 -0.27 9.57 13.09
C ALA A 135 -0.13 8.13 13.57
N VAL A 136 1.11 7.71 13.89
CA VAL A 136 1.29 6.38 14.47
C VAL A 136 0.60 6.30 15.82
N ASP A 137 0.76 7.33 16.65
CA ASP A 137 0.18 7.32 17.99
C ASP A 137 -1.36 7.27 17.97
N VAL A 138 -2.00 7.93 17.01
CA VAL A 138 -3.46 7.91 17.01
C VAL A 138 -4.03 6.96 15.96
N ALA A 139 -3.18 6.11 15.36
CA ALA A 139 -3.58 5.16 14.32
C ALA A 139 -4.38 5.86 13.21
N ALA A 140 -3.90 7.02 12.77
CA ALA A 140 -4.52 7.73 11.66
C ALA A 140 -3.79 7.42 10.36
N ALA A 141 -4.56 7.41 9.26
CA ALA A 141 -4.01 7.49 7.92
C ALA A 141 -3.73 8.94 7.54
N ALA A 142 -3.00 9.12 6.42
CA ALA A 142 -2.50 10.44 6.01
C ALA A 142 -3.06 10.81 4.65
N LEU A 143 -3.75 11.95 4.59
CA LEU A 143 -4.14 12.54 3.32
C LEU A 143 -3.07 13.53 2.91
N VAL A 144 -2.51 13.32 1.71
CA VAL A 144 -1.32 14.04 1.27
C VAL A 144 -1.72 15.05 0.21
N VAL A 145 -1.60 16.34 0.54
CA VAL A 145 -1.94 17.43 -0.38
C VAL A 145 -0.70 17.78 -1.19
N VAL A 146 -0.88 17.90 -2.52
CA VAL A 146 0.23 18.13 -3.44
C VAL A 146 -0.13 19.25 -4.43
N THR A 147 0.88 19.74 -5.16
CA THR A 147 0.73 20.65 -6.29
C THR A 147 0.64 19.87 -7.60
N ALA A 148 0.35 20.60 -8.69
CA ALA A 148 0.45 20.04 -10.03
C ALA A 148 1.65 20.57 -10.80
N ASP A 149 2.48 21.40 -10.19
CA ASP A 149 3.62 22.01 -10.86
C ASP A 149 4.82 21.09 -10.82
N LEU A 150 5.82 21.39 -11.66
CA LEU A 150 6.98 20.50 -11.74
C LEU A 150 7.68 20.43 -10.38
N GLY A 151 8.19 19.24 -10.09
CA GLY A 151 8.71 18.89 -8.80
C GLY A 151 7.75 18.14 -7.90
N THR A 152 6.44 18.13 -8.22
CA THR A 152 5.45 17.50 -7.36
C THR A 152 5.63 15.98 -7.31
N LEU A 153 6.04 15.35 -8.42
CA LEU A 153 6.17 13.90 -8.44
C LEU A 153 7.26 13.43 -7.48
N ASN A 154 8.38 14.16 -7.44
CA ASN A 154 9.46 13.87 -6.50
C ASN A 154 9.01 14.09 -5.05
N HIS A 155 8.42 15.24 -4.77
CA HIS A 155 7.97 15.54 -3.41
C HIS A 155 6.92 14.53 -2.95
N THR A 156 5.98 14.18 -3.82
CA THR A 156 4.95 13.22 -3.46
C THR A 156 5.55 11.86 -3.15
N LYS A 157 6.46 11.37 -4.00
CA LYS A 157 7.03 10.05 -3.75
C LYS A 157 7.93 10.06 -2.51
N LEU A 158 8.68 11.14 -2.28
CA LEU A 158 9.44 11.21 -1.03
C LEU A 158 8.52 11.19 0.18
N THR A 159 7.38 11.89 0.11
CA THR A 159 6.44 11.93 1.24
C THR A 159 5.80 10.57 1.46
N LEU A 160 5.40 9.90 0.36
CA LEU A 160 4.78 8.57 0.46
C LEU A 160 5.77 7.52 0.97
N GLU A 161 7.03 7.60 0.57
CA GLU A 161 8.01 6.68 1.14
C GLU A 161 8.18 6.90 2.63
N ALA A 162 8.17 8.17 3.07
CA ALA A 162 8.32 8.44 4.49
C ALA A 162 7.17 7.88 5.30
N LEU A 163 5.97 7.91 4.73
CA LEU A 163 4.79 7.38 5.40
C LEU A 163 4.88 5.86 5.52
N ALA A 164 5.23 5.17 4.43
CA ALA A 164 5.36 3.72 4.46
C ALA A 164 6.40 3.26 5.48
N ALA A 165 7.50 4.02 5.62
CA ALA A 165 8.58 3.65 6.53
C ALA A 165 8.12 3.51 7.99
N GLN A 166 7.02 4.14 8.38
CA GLN A 166 6.47 3.99 9.72
C GLN A 166 5.08 3.32 9.66
N GLN A 167 4.74 2.71 8.53
N GLN A 167 4.74 2.72 8.52
CA GLN A 167 3.47 2.00 8.33
CA GLN A 167 3.48 2.00 8.33
C GLN A 167 2.25 2.91 8.52
C GLN A 167 2.26 2.90 8.52
N VAL A 168 2.40 4.20 8.25
CA VAL A 168 1.25 5.11 8.25
C VAL A 168 0.60 4.98 6.89
N SER A 169 -0.63 4.47 6.87
CA SER A 169 -1.35 4.29 5.62
C SER A 169 -1.62 5.63 4.94
N CYS A 170 -1.50 5.66 3.61
CA CYS A 170 -1.80 6.84 2.82
C CYS A 170 -3.25 6.78 2.37
N ALA A 171 -4.04 7.78 2.75
CA ALA A 171 -5.44 7.81 2.39
C ALA A 171 -5.67 8.27 0.96
N GLY A 172 -4.62 8.72 0.28
CA GLY A 172 -4.74 9.22 -1.07
C GLY A 172 -4.19 10.62 -1.20
N LEU A 173 -4.22 11.12 -2.42
CA LEU A 173 -3.72 12.44 -2.78
C LEU A 173 -4.88 13.40 -3.01
N VAL A 174 -4.64 14.68 -2.70
CA VAL A 174 -5.49 15.79 -3.10
C VAL A 174 -4.60 16.80 -3.81
N ILE A 175 -4.91 17.13 -5.05
CA ILE A 175 -4.20 18.24 -5.69
C ILE A 175 -4.77 19.53 -5.12
N GLY A 176 -3.95 20.27 -4.37
CA GLY A 176 -4.47 21.38 -3.57
C GLY A 176 -5.05 22.50 -4.41
N SER A 177 -4.30 22.94 -5.42
CA SER A 177 -4.74 23.98 -6.34
C SER A 177 -4.64 23.47 -7.78
N TRP A 178 -5.77 23.41 -8.48
CA TRP A 178 -5.83 22.89 -9.84
C TRP A 178 -6.17 24.03 -10.80
N PRO A 179 -5.26 24.38 -11.71
CA PRO A 179 -5.49 25.53 -12.59
C PRO A 179 -6.56 25.26 -13.65
N ASP A 180 -7.24 26.34 -14.03
CA ASP A 180 -8.23 26.32 -15.11
C ASP A 180 -7.94 27.46 -16.06
N PRO A 181 -7.52 27.18 -17.31
CA PRO A 181 -7.28 25.85 -17.90
C PRO A 181 -5.97 25.21 -17.46
N PRO A 182 -5.88 23.88 -17.53
CA PRO A 182 -4.64 23.20 -17.14
C PRO A 182 -3.58 23.25 -18.25
N GLY A 183 -2.37 23.66 -17.87
CA GLY A 183 -1.24 23.58 -18.77
C GLY A 183 -0.72 22.16 -18.95
N LEU A 184 0.19 22.03 -19.91
CA LEU A 184 0.74 20.72 -20.28
C LEU A 184 1.39 20.00 -19.10
N VAL A 185 2.10 20.73 -18.24
CA VAL A 185 2.80 20.10 -17.14
C VAL A 185 1.80 19.65 -16.06
N ALA A 186 0.89 20.55 -15.67
CA ALA A 186 -0.18 20.15 -14.74
C ALA A 186 -0.89 18.88 -15.22
N ALA A 187 -1.24 18.83 -16.50
CA ALA A 187 -1.98 17.69 -17.01
C ALA A 187 -1.14 16.42 -16.94
N SER A 188 0.16 16.55 -17.25
CA SER A 188 1.03 15.38 -17.21
C SER A 188 1.26 14.93 -15.78
N ASN A 189 1.46 15.88 -14.86
CA ASN A 189 1.62 15.51 -13.47
C ASN A 189 0.36 14.85 -12.93
N ARG A 190 -0.81 15.35 -13.31
CA ARG A 190 -2.04 14.77 -12.77
C ARG A 190 -2.16 13.30 -13.14
N SER A 191 -1.91 12.99 -14.41
CA SER A 191 -1.96 11.60 -14.83
C SER A 191 -0.91 10.77 -14.11
N ALA A 192 0.28 11.34 -13.88
CA ALA A 192 1.33 10.58 -13.18
C ALA A 192 1.03 10.43 -11.69
N LEU A 193 0.43 11.45 -11.08
CA LEU A 193 0.05 11.32 -9.67
C LEU A 193 -0.99 10.22 -9.49
N ALA A 194 -1.92 10.10 -10.43
CA ALA A 194 -2.93 9.05 -10.38
C ALA A 194 -2.32 7.65 -10.40
N ARG A 195 -1.13 7.48 -10.97
CA ARG A 195 -0.49 6.17 -10.95
C ARG A 195 0.30 5.91 -9.69
N ILE A 196 0.52 6.94 -8.86
CA ILE A 196 1.28 6.78 -7.63
C ILE A 196 0.38 6.43 -6.46
N ALA A 197 -0.81 7.02 -6.43
CA ALA A 197 -1.82 6.71 -5.43
C ALA A 197 -3.14 7.29 -5.92
N MET A 198 -4.22 6.90 -5.26
CA MET A 198 -5.54 7.44 -5.59
C MET A 198 -5.54 8.96 -5.42
N VAL A 199 -5.92 9.66 -6.49
CA VAL A 199 -6.15 11.11 -6.41
C VAL A 199 -7.61 11.32 -6.03
N ARG A 200 -7.84 11.81 -4.80
CA ARG A 200 -9.19 11.95 -4.24
C ARG A 200 -9.90 13.21 -4.73
N ALA A 201 -9.15 14.27 -4.99
CA ALA A 201 -9.72 15.54 -5.43
C ALA A 201 -8.63 16.39 -6.07
N ALA A 202 -9.08 17.37 -6.85
CA ALA A 202 -8.20 18.41 -7.39
C ALA A 202 -9.02 19.69 -7.26
N LEU A 203 -8.74 20.45 -6.21
CA LEU A 203 -9.61 21.59 -5.87
C LEU A 203 -9.31 22.76 -6.81
N PRO A 204 -10.34 23.35 -7.43
CA PRO A 204 -10.11 24.48 -8.34
C PRO A 204 -9.37 25.61 -7.67
N ALA A 205 -8.39 26.15 -8.40
CA ALA A 205 -7.62 27.28 -7.91
C ALA A 205 -8.54 28.42 -7.50
N GLY A 206 -8.13 29.17 -6.48
CA GLY A 206 -8.89 30.31 -6.00
C GLY A 206 -10.14 29.97 -5.24
N ALA A 207 -10.26 28.74 -4.73
CA ALA A 207 -11.43 28.34 -3.97
C ALA A 207 -11.61 29.13 -2.68
N ALA A 208 -10.56 29.80 -2.19
CA ALA A 208 -10.70 30.57 -0.96
C ALA A 208 -11.56 31.82 -1.14
N SER A 209 -11.87 32.20 -2.37
N SER A 209 -11.88 32.21 -2.37
CA SER A 209 -12.71 33.36 -2.62
CA SER A 209 -12.72 33.37 -2.61
C SER A 209 -14.17 33.00 -2.86
C SER A 209 -14.17 33.00 -2.86
N LEU A 210 -14.51 31.71 -2.80
CA LEU A 210 -15.90 31.30 -2.92
C LEU A 210 -16.61 31.58 -1.61
N ASP A 211 -17.89 31.93 -1.71
CA ASP A 211 -18.68 32.09 -0.51
C ASP A 211 -19.20 30.72 -0.06
N ALA A 212 -19.86 30.75 1.11
CA ALA A 212 -20.22 29.52 1.79
C ALA A 212 -20.93 28.55 0.85
N GLY A 213 -21.92 29.06 0.10
CA GLY A 213 -22.66 28.24 -0.83
C GLY A 213 -21.80 27.66 -1.92
N ASP A 214 -21.08 28.53 -2.63
CA ASP A 214 -20.24 28.06 -3.73
C ASP A 214 -19.13 27.14 -3.24
N PHE A 215 -18.50 27.47 -2.12
CA PHE A 215 -17.48 26.58 -1.58
C PHE A 215 -18.07 25.20 -1.28
N ALA A 216 -19.24 25.16 -0.63
CA ALA A 216 -19.85 23.88 -0.30
C ALA A 216 -20.25 23.11 -1.56
N ALA A 217 -20.68 23.81 -2.62
CA ALA A 217 -20.99 23.11 -3.86
C ALA A 217 -19.73 22.55 -4.51
N MET A 218 -18.67 23.36 -4.55
CA MET A 218 -17.34 22.90 -4.99
C MET A 218 -16.88 21.67 -4.21
N SER A 219 -17.12 21.67 -2.89
CA SER A 219 -16.70 20.53 -2.06
C SER A 219 -17.51 19.29 -2.35
N ALA A 220 -18.83 19.45 -2.55
CA ALA A 220 -19.65 18.31 -2.91
C ALA A 220 -19.13 17.65 -4.18
N ALA A 221 -18.90 18.46 -5.22
CA ALA A 221 -18.44 17.92 -6.50
C ALA A 221 -17.00 17.42 -6.45
N ALA A 222 -16.16 17.96 -5.57
CA ALA A 222 -14.72 17.71 -5.64
C ALA A 222 -14.36 16.29 -5.28
N PHE A 223 -15.10 15.65 -4.37
CA PHE A 223 -14.77 14.32 -3.90
C PHE A 223 -15.83 13.31 -4.33
N ASP A 224 -15.43 12.05 -4.44
CA ASP A 224 -16.38 10.98 -4.66
C ASP A 224 -17.17 10.73 -3.38
N ARG A 225 -18.49 10.89 -3.45
CA ARG A 225 -19.34 10.72 -2.28
C ARG A 225 -19.13 9.37 -1.62
N ASN A 226 -18.91 8.32 -2.42
CA ASN A 226 -18.67 6.99 -1.88
C ASN A 226 -17.40 6.93 -1.05
N TRP A 227 -16.36 7.68 -1.46
CA TRP A 227 -15.14 7.69 -0.66
C TRP A 227 -15.35 8.44 0.64
N VAL A 228 -15.98 9.61 0.56
CA VAL A 228 -16.29 10.39 1.75
C VAL A 228 -17.11 9.55 2.72
N ALA A 229 -18.25 9.04 2.25
CA ALA A 229 -19.14 8.29 3.13
C ALA A 229 -18.47 7.04 3.68
N GLY A 230 -17.53 6.47 2.94
CA GLY A 230 -16.83 5.29 3.43
C GLY A 230 -15.74 5.57 4.44
N LEU A 231 -15.45 6.84 4.69
CA LEU A 231 -14.38 7.19 5.62
C LEU A 231 -14.77 6.87 7.05
N VAL A 232 -16.06 6.82 7.37
CA VAL A 232 -16.47 6.52 8.74
C VAL A 232 -17.89 5.94 8.74
N GLY A 233 -18.06 4.84 9.47
CA GLY A 233 -19.36 4.23 9.66
C GLY A 233 -20.06 4.70 10.92
N GLY B 7 39.08 2.36 -9.14
CA GLY B 7 38.27 3.53 -9.41
C GLY B 7 38.53 4.72 -8.50
N GLY B 8 37.95 5.87 -8.84
CA GLY B 8 38.10 7.10 -8.07
C GLY B 8 36.89 7.39 -7.22
N THR B 9 36.48 8.66 -7.18
CA THR B 9 35.34 9.09 -6.37
C THR B 9 34.19 9.56 -7.24
N ILE B 10 33.00 9.02 -6.99
CA ILE B 10 31.77 9.39 -7.69
C ILE B 10 30.79 9.99 -6.68
N LEU B 11 30.21 11.14 -7.03
CA LEU B 11 29.17 11.76 -6.22
C LEU B 11 27.98 12.08 -7.11
N VAL B 12 26.79 11.69 -6.68
CA VAL B 12 25.60 12.23 -7.29
C VAL B 12 25.30 13.55 -6.60
N VAL B 13 25.01 14.58 -7.39
CA VAL B 13 24.60 15.87 -6.87
C VAL B 13 23.11 15.98 -7.13
N THR B 14 22.32 15.91 -6.06
CA THR B 14 20.87 15.90 -6.15
C THR B 14 20.35 17.10 -5.36
N GLY B 15 19.08 17.43 -5.59
CA GLY B 15 18.49 18.60 -4.97
C GLY B 15 17.18 18.24 -4.31
N THR B 16 16.80 19.06 -3.33
CA THR B 16 15.48 18.87 -2.75
C THR B 16 14.37 19.25 -3.70
N GLY B 17 14.69 19.90 -4.81
CA GLY B 17 13.65 20.26 -5.76
C GLY B 17 14.23 20.89 -6.99
N THR B 18 13.33 21.45 -7.81
CA THR B 18 13.72 22.12 -9.03
C THR B 18 14.22 23.54 -8.74
N GLY B 19 15.27 23.93 -9.44
CA GLY B 19 15.78 25.29 -9.38
C GLY B 19 16.42 25.63 -8.06
N VAL B 20 16.97 24.64 -7.37
CA VAL B 20 17.62 24.87 -6.09
C VAL B 20 19.09 25.21 -6.23
N GLY B 21 19.67 25.03 -7.41
CA GLY B 21 21.06 25.39 -7.63
C GLY B 21 21.98 24.22 -7.87
N LYS B 22 21.43 23.05 -8.25
CA LYS B 22 22.27 21.88 -8.41
C LYS B 22 23.39 22.14 -9.40
N THR B 23 23.05 22.79 -10.54
CA THR B 23 24.05 22.99 -11.57
C THR B 23 25.14 23.94 -11.10
N VAL B 24 24.76 25.04 -10.43
CA VAL B 24 25.78 25.95 -9.92
C VAL B 24 26.67 25.23 -8.93
N VAL B 25 26.12 24.26 -8.19
CA VAL B 25 26.89 23.56 -7.17
C VAL B 25 27.83 22.54 -7.82
N CYS B 26 27.37 21.85 -8.87
CA CYS B 26 28.30 21.02 -9.63
C CYS B 26 29.47 21.84 -10.14
N ALA B 27 29.18 23.03 -10.70
CA ALA B 27 30.23 23.89 -11.22
C ALA B 27 31.12 24.40 -10.09
N ALA B 28 30.52 24.76 -8.96
CA ALA B 28 31.32 25.34 -7.88
C ALA B 28 32.25 24.31 -7.28
N LEU B 29 31.78 23.07 -7.09
CA LEU B 29 32.61 22.02 -6.52
C LEU B 29 33.66 21.55 -7.52
N ALA B 30 33.28 21.45 -8.80
CA ALA B 30 34.26 21.18 -9.84
C ALA B 30 35.36 22.23 -9.82
N SER B 31 34.97 23.52 -9.78
CA SER B 31 35.95 24.60 -9.83
C SER B 31 36.87 24.56 -8.62
N ALA B 32 36.33 24.21 -7.45
CA ALA B 32 37.18 24.12 -6.26
C ALA B 32 38.10 22.91 -6.32
N ALA B 33 37.56 21.75 -6.72
CA ALA B 33 38.38 20.56 -6.86
C ALA B 33 39.48 20.75 -7.90
N ARG B 34 39.15 21.39 -9.02
CA ARG B 34 40.18 21.67 -10.03
C ARG B 34 41.30 22.52 -9.45
N GLN B 35 40.94 23.56 -8.67
CA GLN B 35 41.97 24.39 -8.04
C GLN B 35 42.76 23.63 -6.99
N ALA B 36 42.23 22.52 -6.49
CA ALA B 36 42.95 21.65 -5.57
C ALA B 36 43.82 20.63 -6.30
N GLY B 37 43.95 20.76 -7.62
CA GLY B 37 44.69 19.81 -8.43
C GLY B 37 44.00 18.49 -8.65
N ILE B 38 42.67 18.45 -8.51
CA ILE B 38 41.91 17.21 -8.65
C ILE B 38 41.29 17.20 -10.04
N ASP B 39 41.41 16.07 -10.74
CA ASP B 39 40.76 15.90 -12.02
C ASP B 39 39.25 15.66 -11.85
N VAL B 40 38.45 16.40 -12.60
CA VAL B 40 37.00 16.39 -12.44
C VAL B 40 36.31 16.08 -13.77
N ALA B 41 35.27 15.26 -13.69
CA ALA B 41 34.34 15.01 -14.78
C ALA B 41 32.95 15.24 -14.24
N VAL B 42 32.07 15.78 -15.08
CA VAL B 42 30.66 15.95 -14.76
C VAL B 42 29.86 15.24 -15.83
N CYS B 43 28.92 14.41 -15.39
CA CYS B 43 27.99 13.68 -16.25
C CYS B 43 26.56 14.12 -15.98
N LYS B 44 25.82 14.44 -17.05
CA LYS B 44 24.41 14.81 -16.97
C LYS B 44 23.72 13.92 -18.00
N PRO B 45 23.25 12.73 -17.60
CA PRO B 45 22.74 11.75 -18.59
C PRO B 45 21.59 12.27 -19.42
N VAL B 46 20.64 12.97 -18.79
CA VAL B 46 19.41 13.43 -19.42
C VAL B 46 19.27 14.93 -19.20
N GLN B 47 19.08 15.67 -20.28
CA GLN B 47 18.91 17.12 -20.27
C GLN B 47 17.58 17.46 -20.91
N THR B 48 16.79 18.33 -20.27
CA THR B 48 15.53 18.77 -20.85
C THR B 48 15.56 20.27 -21.10
N GLY B 49 14.50 20.76 -21.73
CA GLY B 49 14.38 22.18 -22.02
C GLY B 49 15.39 22.70 -23.02
N THR B 50 15.75 21.89 -24.01
CA THR B 50 16.73 22.37 -24.97
C THR B 50 16.16 23.44 -25.91
N ALA B 51 14.83 23.46 -26.12
CA ALA B 51 14.25 24.46 -27.02
C ALA B 51 14.48 25.89 -26.52
N ARG B 52 14.35 26.12 -25.21
CA ARG B 52 14.65 27.43 -24.64
C ARG B 52 16.13 27.60 -24.30
N GLY B 53 16.95 26.57 -24.50
CA GLY B 53 18.38 26.70 -24.38
C GLY B 53 19.02 26.15 -23.13
N ASP B 54 18.29 25.43 -22.28
CA ASP B 54 18.90 24.82 -21.10
C ASP B 54 19.99 23.85 -21.49
N ASP B 55 21.18 24.04 -20.91
CA ASP B 55 22.31 23.11 -21.15
C ASP B 55 23.21 23.18 -19.93
N ASP B 56 23.00 22.25 -18.99
CA ASP B 56 23.70 22.32 -17.70
C ASP B 56 25.20 22.01 -17.85
N LEU B 57 25.57 21.07 -18.71
CA LEU B 57 26.98 20.77 -18.94
C LEU B 57 27.72 22.01 -19.45
N ALA B 58 27.10 22.77 -20.37
CA ALA B 58 27.75 23.97 -20.88
C ALA B 58 27.99 25.00 -19.76
N GLU B 59 27.08 25.08 -18.77
CA GLU B 59 27.29 25.93 -17.61
C GLU B 59 28.56 25.53 -16.85
N VAL B 60 28.68 24.24 -16.52
CA VAL B 60 29.85 23.74 -15.83
C VAL B 60 31.11 24.01 -16.65
N GLY B 61 31.01 23.88 -17.97
CA GLY B 61 32.15 24.18 -18.82
C GLY B 61 32.56 25.62 -18.71
N ARG B 62 31.59 26.53 -18.83
CA ARG B 62 31.90 27.95 -18.81
C ARG B 62 32.33 28.40 -17.42
N LEU B 63 31.63 27.93 -16.38
CA LEU B 63 31.89 28.40 -15.04
C LEU B 63 33.11 27.72 -14.42
N ALA B 64 33.23 26.40 -14.59
CA ALA B 64 34.30 25.69 -13.90
C ALA B 64 35.48 25.32 -14.81
N GLY B 65 35.27 25.27 -16.12
CA GLY B 65 36.34 24.86 -17.01
C GLY B 65 36.50 23.37 -17.19
N VAL B 66 35.58 22.56 -16.67
CA VAL B 66 35.60 21.13 -16.95
C VAL B 66 35.46 20.90 -18.45
N THR B 67 36.27 19.99 -18.97
CA THR B 67 36.13 19.53 -20.34
C THR B 67 35.56 18.12 -20.46
N GLN B 68 35.71 17.27 -19.44
CA GLN B 68 35.08 15.96 -19.50
C GLN B 68 33.61 16.11 -19.10
N LEU B 69 32.77 16.37 -20.09
CA LEU B 69 31.36 16.70 -19.91
C LEU B 69 30.54 15.73 -20.75
N ALA B 70 29.83 14.81 -20.09
CA ALA B 70 29.26 13.64 -20.75
C ALA B 70 27.76 13.57 -20.54
N GLY B 71 27.03 13.30 -21.63
CA GLY B 71 25.57 13.22 -21.60
C GLY B 71 25.05 12.28 -22.68
N LEU B 72 23.81 11.83 -22.50
CA LEU B 72 23.24 10.79 -23.33
C LEU B 72 22.00 11.21 -24.11
N ALA B 73 21.22 12.17 -23.60
CA ALA B 73 19.93 12.48 -24.19
C ALA B 73 19.61 13.94 -23.94
N ARG B 74 18.82 14.52 -24.85
CA ARG B 74 18.45 15.93 -24.78
C ARG B 74 17.02 16.04 -25.31
N TYR B 75 16.12 16.56 -24.50
CA TYR B 75 14.73 16.71 -24.93
C TYR B 75 14.33 18.18 -24.94
N PRO B 76 13.56 18.61 -25.95
CA PRO B 76 13.25 20.04 -26.08
C PRO B 76 12.37 20.62 -24.98
N GLN B 77 11.38 19.86 -24.48
CA GLN B 77 10.36 20.48 -23.63
C GLN B 77 10.89 20.67 -22.21
N PRO B 78 10.53 21.80 -21.55
CA PRO B 78 10.94 22.01 -20.14
C PRO B 78 10.01 21.28 -19.17
N MET B 79 10.01 19.96 -19.25
CA MET B 79 9.25 19.07 -18.38
C MET B 79 10.20 18.11 -17.70
N ALA B 80 9.67 17.30 -16.78
CA ALA B 80 10.45 16.22 -16.22
C ALA B 80 10.79 15.20 -17.32
N PRO B 81 11.98 14.55 -17.24
CA PRO B 81 12.43 13.63 -18.31
C PRO B 81 11.37 12.76 -18.96
N ALA B 82 10.57 12.03 -18.17
CA ALA B 82 9.61 11.10 -18.77
C ALA B 82 8.50 11.83 -19.52
N ALA B 83 8.13 13.03 -19.08
CA ALA B 83 7.11 13.80 -19.79
C ALA B 83 7.67 14.41 -21.07
N ALA B 84 8.88 14.96 -20.99
CA ALA B 84 9.54 15.51 -22.17
C ALA B 84 9.81 14.44 -23.21
N ALA B 85 10.05 13.21 -22.77
CA ALA B 85 10.29 12.13 -23.71
C ALA B 85 8.99 11.74 -24.40
N GLU B 86 7.91 11.58 -23.63
CA GLU B 86 6.62 11.26 -24.23
C GLU B 86 6.17 12.35 -25.20
N HIS B 87 6.42 13.62 -24.86
CA HIS B 87 6.05 14.71 -25.76
C HIS B 87 6.75 14.55 -27.11
N ALA B 88 8.06 14.28 -27.10
CA ALA B 88 8.81 14.13 -28.35
C ALA B 88 8.49 12.83 -29.08
N GLY B 89 7.83 11.88 -28.43
CA GLY B 89 7.58 10.59 -29.03
C GLY B 89 8.73 9.61 -28.96
N MET B 90 9.65 9.79 -28.00
CA MET B 90 10.82 8.93 -27.88
C MET B 90 11.00 8.49 -26.43
N ALA B 91 11.82 7.46 -26.24
CA ALA B 91 11.99 6.89 -24.91
C ALA B 91 13.20 7.49 -24.20
N LEU B 92 13.18 7.39 -22.87
CA LEU B 92 14.35 7.71 -22.08
C LEU B 92 15.48 6.72 -22.37
N PRO B 93 16.73 7.07 -22.04
CA PRO B 93 17.81 6.10 -22.17
C PRO B 93 17.61 4.95 -21.20
N ALA B 94 18.37 3.89 -21.40
CA ALA B 94 18.29 2.71 -20.55
C ALA B 94 19.13 2.90 -19.29
N ARG B 95 18.75 2.17 -18.24
CA ARG B 95 19.52 2.12 -17.01
C ARG B 95 20.98 1.77 -17.26
N ASP B 96 21.23 0.80 -18.14
CA ASP B 96 22.57 0.33 -18.41
C ASP B 96 23.43 1.42 -19.05
N GLN B 97 22.86 2.16 -20.01
CA GLN B 97 23.60 3.28 -20.61
C GLN B 97 24.13 4.22 -19.54
N ILE B 98 23.28 4.58 -18.57
CA ILE B 98 23.65 5.57 -17.58
C ILE B 98 24.73 5.03 -16.66
N VAL B 99 24.49 3.84 -16.10
CA VAL B 99 25.43 3.28 -15.14
C VAL B 99 26.79 3.04 -15.80
N ARG B 100 26.80 2.51 -17.02
CA ARG B 100 28.06 2.19 -17.67
C ARG B 100 28.81 3.46 -18.10
N LEU B 101 28.07 4.49 -18.53
CA LEU B 101 28.70 5.77 -18.87
C LEU B 101 29.45 6.34 -17.67
N ILE B 102 28.78 6.38 -16.52
CA ILE B 102 29.38 6.92 -15.31
C ILE B 102 30.58 6.08 -14.88
N ALA B 103 30.43 4.77 -14.89
CA ALA B 103 31.53 3.90 -14.50
C ALA B 103 32.73 4.03 -15.43
N ASP B 104 32.50 4.25 -16.73
CA ASP B 104 33.60 4.47 -17.65
C ASP B 104 34.27 5.83 -17.40
N LEU B 105 33.49 6.86 -17.05
CA LEU B 105 34.08 8.15 -16.68
C LEU B 105 34.95 8.01 -15.44
N ASP B 106 34.56 7.15 -14.51
CA ASP B 106 35.24 7.06 -13.23
C ASP B 106 36.64 6.47 -13.40
N ARG B 107 37.62 7.08 -12.74
CA ARG B 107 39.00 6.61 -12.80
C ARG B 107 39.73 7.09 -11.55
N PRO B 108 40.81 6.43 -11.16
CA PRO B 108 41.52 6.83 -9.95
C PRO B 108 42.00 8.27 -10.04
N GLY B 109 41.95 8.97 -8.90
CA GLY B 109 42.35 10.37 -8.83
C GLY B 109 41.32 11.36 -9.35
N ARG B 110 40.21 10.91 -9.88
CA ARG B 110 39.23 11.80 -10.49
C ARG B 110 37.98 11.89 -9.64
N LEU B 111 37.42 13.10 -9.55
CA LEU B 111 36.12 13.31 -8.94
C LEU B 111 35.08 13.37 -10.04
N THR B 112 34.12 12.44 -10.02
CA THR B 112 33.07 12.38 -11.03
C THR B 112 31.75 12.79 -10.38
N LEU B 113 31.21 13.92 -10.83
CA LEU B 113 29.92 14.43 -10.39
C LEU B 113 28.84 14.04 -11.38
N VAL B 114 27.74 13.49 -10.86
CA VAL B 114 26.59 13.09 -11.67
C VAL B 114 25.43 14.00 -11.28
N GLU B 115 24.94 14.78 -12.24
CA GLU B 115 23.77 15.62 -12.03
C GLU B 115 22.56 14.96 -12.70
N GLY B 116 21.54 14.69 -11.91
CA GLY B 116 20.28 14.17 -12.42
C GLY B 116 19.43 15.30 -12.92
N ALA B 117 18.11 15.12 -12.83
CA ALA B 117 17.14 16.11 -13.27
C ALA B 117 16.11 16.33 -12.17
N GLY B 118 15.93 17.60 -11.77
CA GLY B 118 14.99 17.92 -10.72
C GLY B 118 15.33 17.31 -9.36
N GLY B 119 14.57 16.31 -8.93
CA GLY B 119 14.71 15.74 -7.61
C GLY B 119 15.19 14.29 -7.60
N LEU B 120 15.41 13.81 -6.38
CA LEU B 120 16.01 12.48 -6.20
C LEU B 120 15.20 11.38 -6.87
N LEU B 121 13.86 11.47 -6.85
CA LEU B 121 13.05 10.34 -7.28
C LEU B 121 12.38 10.54 -8.63
N VAL B 122 12.83 11.49 -9.45
CA VAL B 122 12.24 11.63 -10.77
C VAL B 122 12.82 10.55 -11.70
N GLU B 123 11.97 10.07 -12.61
CA GLU B 123 12.40 9.04 -13.55
C GLU B 123 13.46 9.57 -14.51
N LEU B 124 14.61 8.90 -14.53
CA LEU B 124 15.75 9.26 -15.36
C LEU B 124 15.94 8.33 -16.55
N ALA B 125 15.67 7.04 -16.37
CA ALA B 125 15.80 6.04 -17.40
C ALA B 125 14.56 5.15 -17.41
N GLU B 126 14.23 4.60 -18.58
CA GLU B 126 13.14 3.63 -18.66
C GLU B 126 13.59 2.29 -18.05
N PRO B 127 12.73 1.60 -17.29
CA PRO B 127 11.40 1.91 -16.74
C PRO B 127 11.42 2.30 -15.25
N GLY B 128 11.23 3.58 -14.95
CA GLY B 128 11.14 4.04 -13.58
C GLY B 128 12.42 3.95 -12.78
N VAL B 129 13.57 4.09 -13.42
CA VAL B 129 14.84 4.13 -12.70
C VAL B 129 15.22 5.57 -12.43
N THR B 130 15.63 5.84 -11.20
CA THR B 130 15.91 7.17 -10.70
C THR B 130 17.40 7.31 -10.39
N LEU B 131 17.78 8.56 -10.14
CA LEU B 131 19.16 8.85 -9.74
C LEU B 131 19.56 8.09 -8.47
N ARG B 132 18.59 7.79 -7.58
CA ARG B 132 18.89 6.92 -6.47
C ARG B 132 19.31 5.53 -6.94
N ASP B 133 18.53 4.94 -7.86
CA ASP B 133 18.90 3.68 -8.48
C ASP B 133 20.29 3.76 -9.10
N VAL B 134 20.59 4.88 -9.76
CA VAL B 134 21.90 5.01 -10.40
C VAL B 134 23.00 5.07 -9.34
N ALA B 135 22.76 5.83 -8.25
CA ALA B 135 23.76 5.92 -7.18
C ALA B 135 24.04 4.56 -6.56
N VAL B 136 22.99 3.77 -6.33
CA VAL B 136 23.16 2.40 -5.85
C VAL B 136 24.06 1.62 -6.79
N ASP B 137 23.80 1.72 -8.10
CA ASP B 137 24.51 0.87 -9.04
C ASP B 137 25.99 1.22 -9.16
N VAL B 138 26.35 2.49 -9.01
CA VAL B 138 27.73 2.89 -9.16
C VAL B 138 28.45 3.05 -7.82
N ALA B 139 27.78 2.69 -6.72
CA ALA B 139 28.33 2.85 -5.36
C ALA B 139 28.80 4.28 -5.09
N ALA B 140 27.93 5.24 -5.41
CA ALA B 140 28.26 6.66 -5.22
C ALA B 140 27.68 7.20 -3.91
N ALA B 141 28.31 8.26 -3.43
CA ALA B 141 27.66 8.98 -2.34
C ALA B 141 26.83 10.12 -2.93
N ALA B 142 26.09 10.81 -2.07
CA ALA B 142 25.12 11.81 -2.51
C ALA B 142 25.35 13.13 -1.80
N LEU B 143 25.54 14.18 -2.59
CA LEU B 143 25.55 15.54 -2.10
C LEU B 143 24.18 16.14 -2.36
N VAL B 144 23.60 16.77 -1.35
CA VAL B 144 22.21 17.22 -1.39
C VAL B 144 22.18 18.75 -1.41
N VAL B 145 21.71 19.32 -2.52
CA VAL B 145 21.60 20.76 -2.65
C VAL B 145 20.22 21.20 -2.14
N VAL B 146 20.21 22.14 -1.20
CA VAL B 146 18.99 22.58 -0.55
C VAL B 146 18.87 24.10 -0.66
N THR B 147 17.64 24.59 -0.42
CA THR B 147 17.41 26.01 -0.24
C THR B 147 17.56 26.38 1.23
N ALA B 148 17.53 27.68 1.49
CA ALA B 148 17.53 28.17 2.86
C ALA B 148 16.20 28.78 3.24
N ASP B 149 15.18 28.60 2.40
CA ASP B 149 13.88 29.24 2.53
C ASP B 149 12.90 28.32 3.25
N LEU B 150 11.77 28.90 3.65
CA LEU B 150 10.74 28.13 4.36
C LEU B 150 10.45 26.82 3.63
N GLY B 151 10.30 25.75 4.41
CA GLY B 151 10.05 24.42 3.88
C GLY B 151 11.27 23.54 3.71
N THR B 152 12.48 24.09 3.79
CA THR B 152 13.66 23.32 3.40
C THR B 152 14.02 22.22 4.40
N LEU B 153 13.66 22.37 5.67
CA LEU B 153 13.98 21.33 6.65
C LEU B 153 13.20 20.05 6.37
N ASN B 154 11.93 20.18 6.04
CA ASN B 154 11.12 19.02 5.70
C ASN B 154 11.67 18.31 4.47
N HIS B 155 11.89 19.07 3.40
CA HIS B 155 12.37 18.52 2.14
C HIS B 155 13.73 17.88 2.30
N THR B 156 14.63 18.52 3.04
CA THR B 156 15.95 17.93 3.28
C THR B 156 15.83 16.59 4.00
N LYS B 157 15.06 16.55 5.09
CA LYS B 157 14.92 15.31 5.86
C LYS B 157 14.29 14.21 5.03
N LEU B 158 13.36 14.58 4.15
CA LEU B 158 12.71 13.60 3.29
C LEU B 158 13.69 13.00 2.29
N THR B 159 14.48 13.85 1.65
CA THR B 159 15.50 13.35 0.73
C THR B 159 16.52 12.50 1.47
N LEU B 160 16.98 12.98 2.63
CA LEU B 160 17.95 12.21 3.42
C LEU B 160 17.42 10.84 3.82
N GLU B 161 16.13 10.71 4.15
CA GLU B 161 15.59 9.38 4.45
C GLU B 161 15.55 8.52 3.20
N ALA B 162 15.19 9.09 2.05
CA ALA B 162 15.15 8.31 0.84
C ALA B 162 16.52 7.72 0.53
N LEU B 163 17.57 8.52 0.74
CA LEU B 163 18.94 8.09 0.50
C LEU B 163 19.30 6.93 1.43
N ALA B 164 19.13 7.11 2.73
CA ALA B 164 19.54 6.08 3.68
C ALA B 164 18.82 4.76 3.41
N ALA B 165 17.56 4.83 2.94
CA ALA B 165 16.77 3.63 2.70
C ALA B 165 17.40 2.71 1.66
N GLN B 166 18.22 3.25 0.77
CA GLN B 166 18.94 2.42 -0.18
C GLN B 166 20.44 2.46 0.07
N GLN B 167 20.84 2.78 1.31
CA GLN B 167 22.24 2.77 1.73
C GLN B 167 23.10 3.67 0.86
N VAL B 168 22.54 4.78 0.37
CA VAL B 168 23.30 5.77 -0.38
C VAL B 168 23.80 6.81 0.61
N SER B 169 25.11 6.81 0.87
CA SER B 169 25.71 7.65 1.91
C SER B 169 25.58 9.12 1.58
N CYS B 170 25.28 9.93 2.58
CA CYS B 170 25.13 11.36 2.39
C CYS B 170 26.49 12.05 2.54
N ALA B 171 26.96 12.66 1.46
CA ALA B 171 28.27 13.30 1.52
C ALA B 171 28.20 14.72 2.09
N GLY B 172 27.00 15.24 2.33
CA GLY B 172 26.82 16.57 2.89
C GLY B 172 25.71 17.35 2.24
N LEU B 173 25.50 18.58 2.69
CA LEU B 173 24.52 19.48 2.09
C LEU B 173 25.24 20.69 1.54
N VAL B 174 24.61 21.31 0.55
CA VAL B 174 25.05 22.61 0.04
C VAL B 174 23.80 23.47 -0.11
N ILE B 175 23.84 24.66 0.47
CA ILE B 175 22.79 25.66 0.23
C ILE B 175 23.05 26.26 -1.15
N GLY B 176 22.24 25.87 -2.14
CA GLY B 176 22.50 26.28 -3.51
C GLY B 176 22.50 27.78 -3.73
N SER B 177 21.64 28.52 -3.02
CA SER B 177 21.55 29.98 -3.15
C SER B 177 21.39 30.60 -1.77
N TRP B 178 22.30 31.51 -1.40
CA TRP B 178 22.24 32.19 -0.12
C TRP B 178 21.83 33.64 -0.36
N PRO B 179 20.69 34.09 0.17
CA PRO B 179 20.20 35.44 -0.17
C PRO B 179 21.04 36.52 0.48
N ASP B 180 20.94 37.72 -0.09
CA ASP B 180 21.59 38.92 0.43
C ASP B 180 20.56 40.05 0.48
N PRO B 181 20.24 40.59 1.67
CA PRO B 181 20.76 40.05 2.94
C PRO B 181 19.96 38.83 3.37
N PRO B 182 20.54 38.00 4.25
CA PRO B 182 19.88 36.73 4.63
C PRO B 182 18.39 36.79 4.90
N GLY B 183 17.97 37.54 5.90
CA GLY B 183 16.60 37.34 6.31
C GLY B 183 16.49 36.31 7.43
N LEU B 184 15.42 36.43 8.22
CA LEU B 184 15.36 35.69 9.48
C LEU B 184 15.09 34.21 9.25
N VAL B 185 14.34 33.86 8.21
CA VAL B 185 14.13 32.45 7.88
C VAL B 185 15.46 31.81 7.52
N ALA B 186 16.19 32.45 6.60
CA ALA B 186 17.39 31.85 6.04
C ALA B 186 18.42 31.59 7.11
N ALA B 187 18.65 32.57 7.98
CA ALA B 187 19.67 32.41 9.02
C ALA B 187 19.29 31.29 9.98
N SER B 188 18.02 31.25 10.39
CA SER B 188 17.54 30.17 11.25
C SER B 188 17.69 28.81 10.57
N ASN B 189 17.36 28.73 9.28
CA ASN B 189 17.42 27.46 8.57
C ASN B 189 18.86 27.00 8.39
N ARG B 190 19.80 27.92 8.18
CA ARG B 190 21.19 27.51 8.04
C ARG B 190 21.67 26.81 9.29
N SER B 191 21.32 27.36 10.46
CA SER B 191 21.68 26.71 11.72
C SER B 191 21.02 25.34 11.84
N ALA B 192 19.75 25.24 11.45
CA ALA B 192 19.02 23.99 11.62
C ALA B 192 19.51 22.92 10.64
N LEU B 193 19.84 23.33 9.42
CA LEU B 193 20.39 22.40 8.46
C LEU B 193 21.68 21.77 8.98
N ALA B 194 22.53 22.59 9.60
CA ALA B 194 23.79 22.08 10.11
C ALA B 194 23.57 21.12 11.28
N ARG B 195 22.39 21.10 11.90
CA ARG B 195 22.14 20.13 12.95
C ARG B 195 21.74 18.77 12.41
N ILE B 196 21.28 18.68 11.16
CA ILE B 196 20.95 17.37 10.59
C ILE B 196 21.98 16.84 9.60
N ALA B 197 22.89 17.68 9.11
CA ALA B 197 24.02 17.19 8.31
C ALA B 197 25.03 18.31 8.13
N MET B 198 26.19 17.95 7.57
CA MET B 198 27.25 18.93 7.30
C MET B 198 26.84 19.88 6.18
N VAL B 199 26.92 21.17 6.44
CA VAL B 199 26.71 22.19 5.42
C VAL B 199 28.06 22.46 4.78
N ARG B 200 28.24 21.98 3.54
CA ARG B 200 29.57 22.07 2.95
C ARG B 200 29.82 23.44 2.36
N ALA B 201 28.77 24.16 1.99
CA ALA B 201 28.92 25.50 1.42
C ALA B 201 27.55 26.15 1.35
N ALA B 202 27.56 27.48 1.33
CA ALA B 202 26.38 28.28 1.01
C ALA B 202 26.77 29.21 -0.12
N LEU B 203 26.21 29.00 -1.32
CA LEU B 203 26.76 29.75 -2.46
C LEU B 203 26.00 31.07 -2.63
N PRO B 204 26.70 32.18 -2.81
CA PRO B 204 26.01 33.48 -2.91
C PRO B 204 25.00 33.50 -4.05
N ALA B 205 23.86 34.16 -3.78
CA ALA B 205 22.83 34.34 -4.81
C ALA B 205 23.38 35.10 -6.01
N GLY B 206 23.05 34.63 -7.21
CA GLY B 206 23.49 35.30 -8.43
C GLY B 206 24.82 34.85 -9.01
N ALA B 207 25.49 33.88 -8.38
CA ALA B 207 26.79 33.42 -8.84
C ALA B 207 26.77 32.86 -10.25
N ALA B 208 25.61 32.49 -10.80
CA ALA B 208 25.59 31.96 -12.15
C ALA B 208 25.87 33.03 -13.20
N SER B 209 25.67 34.30 -12.87
CA SER B 209 26.01 35.39 -13.77
C SER B 209 27.49 35.71 -13.79
N LEU B 210 28.29 35.11 -12.91
CA LEU B 210 29.71 35.46 -12.79
C LEU B 210 30.49 35.02 -14.02
N ASP B 211 31.60 35.72 -14.28
CA ASP B 211 32.52 35.18 -15.28
C ASP B 211 33.40 34.12 -14.64
N ALA B 212 34.17 33.44 -15.50
CA ALA B 212 34.92 32.27 -15.04
C ALA B 212 35.86 32.60 -13.89
N GLY B 213 36.58 33.73 -13.99
CA GLY B 213 37.52 34.09 -12.93
C GLY B 213 36.84 34.40 -11.61
N ASP B 214 35.78 35.22 -11.64
CA ASP B 214 35.08 35.53 -10.41
C ASP B 214 34.41 34.30 -9.83
N PHE B 215 33.91 33.41 -10.69
CA PHE B 215 33.27 32.20 -10.21
C PHE B 215 34.28 31.27 -9.55
N ALA B 216 35.50 31.21 -10.11
CA ALA B 216 36.55 30.40 -9.52
C ALA B 216 36.92 30.92 -8.14
N ALA B 217 37.07 32.24 -8.00
CA ALA B 217 37.40 32.82 -6.71
C ALA B 217 36.33 32.50 -5.67
N MET B 218 35.07 32.75 -6.03
CA MET B 218 33.95 32.41 -5.15
C MET B 218 33.99 30.95 -4.72
N SER B 219 34.17 30.04 -5.69
CA SER B 219 34.11 28.60 -5.41
C SER B 219 35.24 28.18 -4.48
N ALA B 220 36.45 28.69 -4.70
CA ALA B 220 37.60 28.35 -3.86
C ALA B 220 37.35 28.71 -2.41
N ALA B 221 36.68 29.84 -2.17
CA ALA B 221 36.38 30.23 -0.80
C ALA B 221 35.19 29.49 -0.24
N ALA B 222 34.24 29.08 -1.09
CA ALA B 222 32.95 28.58 -0.63
C ALA B 222 33.04 27.21 0.03
N PHE B 223 34.07 26.42 -0.26
CA PHE B 223 34.24 25.09 0.32
C PHE B 223 35.45 25.06 1.23
N ASP B 224 35.38 24.21 2.25
CA ASP B 224 36.54 23.99 3.10
C ASP B 224 37.63 23.30 2.29
N ARG B 225 38.87 23.80 2.43
CA ARG B 225 39.98 23.29 1.63
C ARG B 225 40.23 21.80 1.89
N ASN B 226 40.33 21.42 3.17
CA ASN B 226 40.64 20.03 3.53
C ASN B 226 39.57 19.06 3.02
N TRP B 227 38.30 19.46 3.09
CA TRP B 227 37.25 18.50 2.71
C TRP B 227 37.31 18.20 1.22
N VAL B 228 37.51 19.22 0.40
CA VAL B 228 37.59 19.02 -1.03
C VAL B 228 38.75 18.11 -1.38
N ALA B 229 39.96 18.44 -0.88
CA ALA B 229 41.14 17.63 -1.17
C ALA B 229 40.95 16.19 -0.73
N GLY B 230 40.23 15.97 0.37
CA GLY B 230 39.97 14.64 0.87
C GLY B 230 38.90 13.85 0.15
N LEU B 231 38.21 14.47 -0.82
CA LEU B 231 37.27 13.70 -1.63
C LEU B 231 37.99 12.75 -2.57
N VAL B 232 39.14 13.20 -3.09
CA VAL B 232 40.11 12.39 -3.83
C VAL B 232 39.47 11.66 -5.00
N HIS C 6 -12.58 5.89 -22.89
CA HIS C 6 -11.13 5.80 -23.05
C HIS C 6 -10.66 4.35 -22.95
N GLY C 7 -9.82 3.92 -23.91
CA GLY C 7 -9.24 2.58 -23.88
C GLY C 7 -10.18 1.46 -24.30
N GLY C 8 -9.72 0.25 -24.01
CA GLY C 8 -10.44 -0.98 -24.32
C GLY C 8 -11.16 -1.53 -23.10
N THR C 9 -11.12 -2.85 -22.95
CA THR C 9 -11.62 -3.50 -21.74
C THR C 9 -10.47 -4.24 -21.08
N ILE C 10 -10.24 -3.94 -19.80
CA ILE C 10 -9.25 -4.60 -18.97
C ILE C 10 -9.98 -5.43 -17.93
N LEU C 11 -9.51 -6.66 -17.74
CA LEU C 11 -10.07 -7.57 -16.75
C LEU C 11 -8.92 -8.14 -15.94
N VAL C 12 -8.94 -7.95 -14.62
CA VAL C 12 -7.98 -8.68 -13.81
C VAL C 12 -8.57 -10.06 -13.54
N VAL C 13 -7.70 -11.07 -13.63
CA VAL C 13 -8.08 -12.45 -13.42
C VAL C 13 -7.39 -12.87 -12.12
N THR C 14 -8.19 -13.09 -11.09
CA THR C 14 -7.73 -13.43 -9.76
C THR C 14 -8.27 -14.80 -9.41
N GLY C 15 -7.74 -15.37 -8.34
CA GLY C 15 -8.18 -16.66 -7.88
C GLY C 15 -8.47 -16.63 -6.40
N THR C 16 -9.22 -17.63 -5.95
CA THR C 16 -9.38 -17.82 -4.53
C THR C 16 -8.14 -18.43 -3.90
N GLY C 17 -7.24 -18.98 -4.71
CA GLY C 17 -6.03 -19.58 -4.17
C GLY C 17 -5.04 -19.86 -5.27
N THR C 18 -3.94 -20.46 -4.89
CA THR C 18 -2.92 -20.84 -5.85
C THR C 18 -3.31 -22.15 -6.52
N GLY C 19 -2.87 -22.32 -7.76
CA GLY C 19 -3.14 -23.53 -8.52
C GLY C 19 -4.60 -23.79 -8.82
N VAL C 20 -5.45 -22.76 -8.83
CA VAL C 20 -6.88 -22.98 -9.11
C VAL C 20 -7.22 -22.91 -10.58
N GLY C 21 -6.27 -22.51 -11.43
CA GLY C 21 -6.46 -22.53 -12.88
C GLY C 21 -6.42 -21.18 -13.58
N LYS C 22 -5.95 -20.14 -12.87
CA LYS C 22 -5.92 -18.80 -13.43
C LYS C 22 -5.29 -18.77 -14.81
N THR C 23 -4.08 -19.33 -14.92
CA THR C 23 -3.36 -19.27 -16.19
C THR C 23 -4.15 -19.99 -17.27
N VAL C 24 -4.67 -21.18 -16.95
CA VAL C 24 -5.44 -21.91 -17.95
C VAL C 24 -6.70 -21.13 -18.31
N VAL C 25 -7.28 -20.43 -17.34
CA VAL C 25 -8.45 -19.61 -17.62
C VAL C 25 -8.10 -18.43 -18.51
N CYS C 26 -6.95 -17.81 -18.27
CA CYS C 26 -6.48 -16.73 -19.15
C CYS C 26 -6.28 -17.22 -20.59
N ALA C 27 -5.61 -18.36 -20.76
CA ALA C 27 -5.49 -18.93 -22.11
C ALA C 27 -6.87 -19.21 -22.71
N ALA C 28 -7.77 -19.80 -21.94
CA ALA C 28 -9.07 -20.20 -22.46
C ALA C 28 -9.92 -18.99 -22.84
N LEU C 29 -9.87 -17.92 -22.03
CA LEU C 29 -10.66 -16.74 -22.37
C LEU C 29 -10.06 -15.98 -23.54
N ALA C 30 -8.73 -15.93 -23.62
CA ALA C 30 -8.10 -15.31 -24.79
C ALA C 30 -8.47 -16.03 -26.07
N SER C 31 -8.52 -17.36 -26.03
CA SER C 31 -8.83 -18.12 -27.23
C SER C 31 -10.30 -17.97 -27.62
N ALA C 32 -11.21 -17.89 -26.63
CA ALA C 32 -12.60 -17.65 -26.94
C ALA C 32 -12.80 -16.27 -27.54
N ALA C 33 -12.08 -15.27 -27.01
CA ALA C 33 -12.24 -13.91 -27.49
C ALA C 33 -11.59 -13.71 -28.85
N ARG C 34 -10.41 -14.31 -29.06
CA ARG C 34 -9.80 -14.35 -30.38
C ARG C 34 -10.76 -14.94 -31.40
N GLN C 35 -11.39 -16.06 -31.06
CA GLN C 35 -12.30 -16.72 -31.99
C GLN C 35 -13.57 -15.92 -32.23
N ALA C 36 -13.95 -15.06 -31.29
CA ALA C 36 -15.06 -14.14 -31.48
C ALA C 36 -14.62 -12.80 -32.08
N GLY C 37 -13.40 -12.73 -32.61
CA GLY C 37 -12.93 -11.56 -33.30
C GLY C 37 -12.41 -10.44 -32.45
N ILE C 38 -11.97 -10.72 -31.22
CA ILE C 38 -11.46 -9.68 -30.32
C ILE C 38 -9.95 -9.80 -30.21
N ASP C 39 -9.28 -8.65 -30.28
CA ASP C 39 -7.83 -8.53 -30.07
C ASP C 39 -7.51 -8.62 -28.57
N VAL C 40 -6.61 -9.55 -28.19
CA VAL C 40 -6.37 -9.92 -26.79
C VAL C 40 -4.90 -9.70 -26.44
N ALA C 41 -4.65 -9.07 -25.30
CA ALA C 41 -3.34 -9.00 -24.68
C ALA C 41 -3.42 -9.62 -23.29
N VAL C 42 -2.36 -10.31 -22.89
CA VAL C 42 -2.30 -10.92 -21.57
C VAL C 42 -1.05 -10.44 -20.86
N CYS C 43 -1.20 -10.11 -19.58
CA CYS C 43 -0.22 -9.39 -18.79
C CYS C 43 -0.08 -10.07 -17.43
N LYS C 44 1.16 -10.34 -17.01
CA LYS C 44 1.44 -10.95 -15.72
C LYS C 44 2.44 -10.05 -15.01
N PRO C 45 1.96 -9.08 -14.25
CA PRO C 45 2.89 -8.12 -13.62
C PRO C 45 3.90 -8.73 -12.64
N VAL C 46 3.50 -9.74 -11.87
CA VAL C 46 4.38 -10.38 -10.91
C VAL C 46 4.34 -11.90 -11.13
N GLN C 47 5.49 -12.46 -11.53
CA GLN C 47 5.66 -13.90 -11.73
C GLN C 47 6.57 -14.46 -10.63
N THR C 48 6.10 -15.45 -9.89
CA THR C 48 6.96 -16.15 -8.94
C THR C 48 7.25 -17.56 -9.46
N GLY C 49 8.15 -18.23 -8.73
CA GLY C 49 8.45 -19.65 -8.93
C GLY C 49 9.16 -20.07 -10.19
N THR C 50 10.12 -19.27 -10.69
CA THR C 50 10.83 -19.69 -11.90
C THR C 50 11.80 -20.84 -11.63
N ALA C 51 12.26 -20.98 -10.38
CA ALA C 51 13.08 -22.14 -10.00
C ALA C 51 12.34 -23.45 -10.21
N ARG C 52 11.01 -23.43 -10.15
CA ARG C 52 10.14 -24.57 -10.39
C ARG C 52 9.85 -24.78 -11.88
N GLY C 53 10.15 -23.79 -12.71
CA GLY C 53 9.78 -23.85 -14.12
C GLY C 53 8.67 -22.91 -14.54
N ASP C 54 8.11 -22.12 -13.61
CA ASP C 54 6.91 -21.34 -13.87
C ASP C 54 7.17 -20.20 -14.85
N ASP C 55 6.34 -20.12 -15.89
CA ASP C 55 6.23 -18.90 -16.72
C ASP C 55 4.80 -18.90 -17.27
N ASP C 56 3.91 -18.20 -16.56
CA ASP C 56 2.50 -18.22 -16.93
C ASP C 56 2.25 -17.57 -18.29
N LEU C 57 3.02 -16.53 -18.61
CA LEU C 57 2.88 -15.91 -19.93
C LEU C 57 3.27 -16.90 -21.02
N ALA C 58 4.41 -17.58 -20.83
CA ALA C 58 4.87 -18.55 -21.82
C ALA C 58 3.86 -19.67 -21.99
N GLU C 59 3.13 -20.01 -20.91
CA GLU C 59 2.14 -21.09 -20.98
C GLU C 59 0.87 -20.66 -21.70
N VAL C 60 0.43 -19.42 -21.49
CA VAL C 60 -0.67 -18.86 -22.28
C VAL C 60 -0.30 -18.82 -23.76
N GLY C 61 0.95 -18.45 -24.06
CA GLY C 61 1.39 -18.48 -25.45
C GLY C 61 1.39 -19.88 -26.04
N ARG C 62 1.80 -20.88 -25.25
CA ARG C 62 1.80 -22.26 -25.73
C ARG C 62 0.38 -22.78 -25.92
N LEU C 63 -0.49 -22.52 -24.95
CA LEU C 63 -1.83 -23.11 -24.97
C LEU C 63 -2.74 -22.45 -26.01
N ALA C 64 -2.76 -21.13 -26.03
CA ALA C 64 -3.75 -20.36 -26.78
C ALA C 64 -3.17 -19.66 -28.00
N GLY C 65 -1.85 -19.61 -28.14
CA GLY C 65 -1.23 -18.93 -29.25
C GLY C 65 -1.11 -17.43 -29.13
N VAL C 66 -1.40 -16.86 -27.95
CA VAL C 66 -1.26 -15.40 -27.76
C VAL C 66 0.21 -14.99 -27.92
N THR C 67 0.43 -13.85 -28.59
CA THR C 67 1.76 -13.26 -28.73
C THR C 67 1.91 -11.91 -28.05
N GLN C 68 0.79 -11.21 -27.81
CA GLN C 68 0.83 -9.97 -27.04
C GLN C 68 0.81 -10.35 -25.56
N LEU C 69 2.00 -10.56 -25.02
CA LEU C 69 2.22 -10.92 -23.62
C LEU C 69 3.20 -9.92 -23.03
N ALA C 70 2.94 -9.49 -21.80
CA ALA C 70 3.76 -8.47 -21.17
C ALA C 70 3.96 -8.83 -19.70
N GLY C 71 5.22 -8.97 -19.29
CA GLY C 71 5.56 -9.25 -17.92
C GLY C 71 6.38 -8.10 -17.34
N LEU C 72 6.74 -8.25 -16.07
CA LEU C 72 7.54 -7.23 -15.43
C LEU C 72 8.47 -7.90 -14.41
N ALA C 73 7.96 -8.17 -13.21
CA ALA C 73 8.76 -8.75 -12.15
C ALA C 73 8.75 -10.28 -12.26
N ARG C 74 9.90 -10.88 -11.96
CA ARG C 74 10.08 -12.32 -12.00
C ARG C 74 10.94 -12.70 -10.81
N TYR C 75 10.55 -13.75 -10.10
CA TYR C 75 11.31 -14.22 -8.95
C TYR C 75 11.46 -15.74 -8.97
N PRO C 76 12.55 -16.27 -8.40
CA PRO C 76 12.79 -17.72 -8.49
C PRO C 76 11.89 -18.56 -7.62
N GLN C 77 11.59 -18.13 -6.42
CA GLN C 77 10.99 -19.16 -5.58
C GLN C 77 9.47 -19.16 -5.70
N PRO C 78 8.82 -20.32 -5.53
CA PRO C 78 7.35 -20.37 -5.52
C PRO C 78 6.78 -19.99 -4.15
N MET C 79 6.78 -18.68 -3.90
CA MET C 79 6.34 -18.10 -2.64
C MET C 79 5.48 -16.89 -2.97
N ALA C 80 4.81 -16.35 -1.96
CA ALA C 80 4.09 -15.10 -2.19
C ALA C 80 5.09 -14.03 -2.61
N PRO C 81 4.69 -13.12 -3.51
CA PRO C 81 5.65 -12.22 -4.17
C PRO C 81 6.62 -11.50 -3.22
N ALA C 82 6.14 -11.01 -2.08
CA ALA C 82 7.00 -10.26 -1.17
C ALA C 82 8.08 -11.15 -0.57
N ALA C 83 7.73 -12.42 -0.31
CA ALA C 83 8.68 -13.38 0.23
C ALA C 83 9.61 -13.94 -0.84
N ALA C 84 9.10 -14.14 -2.06
CA ALA C 84 9.99 -14.47 -3.17
C ALA C 84 11.00 -13.36 -3.44
N ALA C 85 10.55 -12.11 -3.39
CA ALA C 85 11.44 -10.96 -3.59
C ALA C 85 12.48 -10.88 -2.47
N GLU C 86 12.04 -10.96 -1.20
CA GLU C 86 13.00 -11.07 -0.10
C GLU C 86 14.02 -12.17 -0.37
N HIS C 87 13.55 -13.37 -0.71
CA HIS C 87 14.44 -14.50 -0.85
C HIS C 87 15.52 -14.23 -1.89
N ALA C 88 15.19 -13.51 -2.97
CA ALA C 88 16.13 -13.23 -4.06
C ALA C 88 16.92 -11.95 -3.86
N GLY C 89 16.76 -11.28 -2.72
CA GLY C 89 17.44 -10.02 -2.50
C GLY C 89 16.95 -8.86 -3.32
N MET C 90 15.82 -9.02 -4.01
CA MET C 90 15.21 -7.96 -4.84
C MET C 90 14.03 -7.31 -4.11
N ALA C 91 13.48 -6.28 -4.75
CA ALA C 91 12.29 -5.56 -4.29
C ALA C 91 11.13 -5.86 -5.22
N LEU C 92 9.91 -5.56 -4.75
CA LEU C 92 8.72 -5.67 -5.56
C LEU C 92 8.68 -4.52 -6.55
N PRO C 93 7.98 -4.67 -7.67
CA PRO C 93 7.84 -3.54 -8.59
C PRO C 93 7.13 -2.38 -7.93
N ALA C 94 7.30 -1.20 -8.53
CA ALA C 94 6.58 -0.01 -8.11
C ALA C 94 5.16 -0.04 -8.63
N ARG C 95 4.20 0.40 -7.79
CA ARG C 95 2.80 0.44 -8.20
C ARG C 95 2.62 1.12 -9.57
N ASP C 96 3.37 2.19 -9.83
CA ASP C 96 3.16 2.96 -11.06
C ASP C 96 3.79 2.27 -12.28
N GLN C 97 4.71 1.33 -12.05
CA GLN C 97 5.23 0.49 -13.13
C GLN C 97 4.26 -0.61 -13.50
N ILE C 98 3.59 -1.20 -12.52
CA ILE C 98 2.49 -2.13 -12.78
C ILE C 98 1.38 -1.41 -13.56
N VAL C 99 1.02 -0.21 -13.12
CA VAL C 99 -0.07 0.51 -13.79
C VAL C 99 0.34 0.92 -15.20
N ARG C 100 1.59 1.36 -15.38
CA ARG C 100 2.14 1.65 -16.72
C ARG C 100 2.04 0.43 -17.64
N LEU C 101 2.44 -0.75 -17.14
CA LEU C 101 2.41 -1.94 -17.96
C LEU C 101 1.02 -2.20 -18.50
N ILE C 102 0.02 -2.09 -17.62
CA ILE C 102 -1.34 -2.40 -18.02
C ILE C 102 -1.88 -1.32 -18.96
N ALA C 103 -1.61 -0.06 -18.62
CA ALA C 103 -2.14 1.07 -19.37
C ALA C 103 -1.60 1.10 -20.80
N ASP C 104 -0.29 0.86 -20.97
CA ASP C 104 0.28 0.87 -22.31
C ASP C 104 -0.37 -0.19 -23.21
N LEU C 105 -0.66 -1.37 -22.65
CA LEU C 105 -1.27 -2.45 -23.42
C LEU C 105 -2.71 -2.11 -23.82
N ASP C 106 -3.46 -1.50 -22.93
CA ASP C 106 -4.88 -1.25 -23.15
C ASP C 106 -5.11 -0.32 -24.34
N ARG C 107 -5.98 -0.73 -25.26
CA ARG C 107 -6.37 0.16 -26.35
C ARG C 107 -7.76 -0.18 -26.82
N PRO C 108 -8.45 0.72 -27.51
CA PRO C 108 -9.81 0.42 -27.97
C PRO C 108 -9.81 -0.79 -28.87
N GLY C 109 -10.83 -1.64 -28.69
CA GLY C 109 -10.97 -2.84 -29.45
C GLY C 109 -10.28 -4.05 -28.85
N ARG C 110 -9.50 -3.86 -27.78
CA ARG C 110 -8.66 -4.90 -27.21
C ARG C 110 -9.24 -5.40 -25.90
N LEU C 111 -9.10 -6.71 -25.65
CA LEU C 111 -9.31 -7.29 -24.33
C LEU C 111 -7.94 -7.55 -23.70
N THR C 112 -7.66 -6.84 -22.60
CA THR C 112 -6.43 -6.98 -21.84
C THR C 112 -6.72 -7.73 -20.53
N LEU C 113 -6.14 -8.92 -20.40
CA LEU C 113 -6.31 -9.75 -19.20
C LEU C 113 -5.07 -9.62 -18.33
N VAL C 114 -5.25 -9.29 -17.05
CA VAL C 114 -4.15 -9.12 -16.10
C VAL C 114 -4.24 -10.24 -15.08
N GLU C 115 -3.29 -11.17 -15.12
CA GLU C 115 -3.32 -12.28 -14.20
C GLU C 115 -2.62 -11.91 -12.90
N GLY C 116 -3.25 -12.26 -11.77
CA GLY C 116 -2.71 -11.97 -10.46
C GLY C 116 -1.59 -12.92 -10.06
N ALA C 117 -1.22 -12.83 -8.78
CA ALA C 117 -0.07 -13.57 -8.25
C ALA C 117 -0.45 -14.46 -7.07
N GLY C 118 -1.69 -14.87 -6.94
CA GLY C 118 -1.99 -15.91 -5.97
C GLY C 118 -3.29 -15.68 -5.21
N GLY C 119 -3.66 -14.43 -5.03
CA GLY C 119 -4.94 -14.12 -4.41
C GLY C 119 -5.18 -12.63 -4.51
N LEU C 120 -6.43 -12.25 -4.30
CA LEU C 120 -6.84 -10.86 -4.51
C LEU C 120 -6.03 -9.90 -3.64
N LEU C 121 -5.82 -10.24 -2.38
CA LEU C 121 -5.18 -9.33 -1.45
C LEU C 121 -3.71 -9.66 -1.24
N VAL C 122 -3.13 -10.50 -2.08
CA VAL C 122 -1.69 -10.67 -2.13
C VAL C 122 -1.04 -9.34 -2.48
N GLU C 123 -0.01 -8.96 -1.72
CA GLU C 123 0.73 -7.73 -2.00
C GLU C 123 1.57 -7.85 -3.27
N LEU C 124 1.37 -6.92 -4.21
CA LEU C 124 2.17 -6.90 -5.42
C LEU C 124 3.19 -5.77 -5.46
N ALA C 125 3.02 -4.73 -4.65
CA ALA C 125 3.92 -3.60 -4.62
C ALA C 125 3.85 -2.98 -3.22
N GLU C 126 4.92 -2.27 -2.84
CA GLU C 126 4.92 -1.65 -1.52
C GLU C 126 4.10 -0.36 -1.54
N PRO C 127 3.34 -0.07 -0.47
CA PRO C 127 3.14 -0.99 0.67
C PRO C 127 1.74 -1.64 0.67
N GLY C 128 1.67 -2.97 0.68
CA GLY C 128 0.36 -3.61 0.68
C GLY C 128 -0.54 -3.28 -0.50
N VAL C 129 0.03 -2.82 -1.62
CA VAL C 129 -0.72 -2.62 -2.85
C VAL C 129 -1.06 -3.98 -3.46
N THR C 130 -2.34 -4.18 -3.79
CA THR C 130 -2.89 -5.46 -4.21
C THR C 130 -3.41 -5.39 -5.64
N LEU C 131 -3.86 -6.54 -6.15
CA LEU C 131 -4.56 -6.55 -7.43
C LEU C 131 -5.88 -5.80 -7.34
N ARG C 132 -6.53 -5.78 -6.18
CA ARG C 132 -7.73 -4.97 -6.04
C ARG C 132 -7.43 -3.49 -6.23
N ASP C 133 -6.39 -2.99 -5.56
CA ASP C 133 -5.95 -1.60 -5.77
C ASP C 133 -5.72 -1.33 -7.25
N VAL C 134 -4.94 -2.21 -7.91
CA VAL C 134 -4.63 -2.00 -9.34
C VAL C 134 -5.91 -1.95 -10.16
N ALA C 135 -6.86 -2.83 -9.85
CA ALA C 135 -8.10 -2.87 -10.63
C ALA C 135 -8.89 -1.57 -10.51
N VAL C 136 -8.88 -0.94 -9.33
CA VAL C 136 -9.50 0.37 -9.19
C VAL C 136 -8.81 1.39 -10.08
N ASP C 137 -7.47 1.43 -10.03
CA ASP C 137 -6.72 2.47 -10.75
C ASP C 137 -7.03 2.46 -12.23
N VAL C 138 -7.12 1.26 -12.82
CA VAL C 138 -7.27 1.11 -14.26
C VAL C 138 -8.72 0.91 -14.69
N ALA C 139 -9.67 0.92 -13.74
CA ALA C 139 -11.12 0.78 -14.00
C ALA C 139 -11.48 -0.60 -14.57
N ALA C 140 -10.80 -1.64 -14.07
CA ALA C 140 -11.01 -3.00 -14.50
C ALA C 140 -11.97 -3.72 -13.58
N ALA C 141 -12.85 -4.53 -14.17
CA ALA C 141 -13.61 -5.51 -13.40
C ALA C 141 -12.72 -6.72 -13.09
N ALA C 142 -13.26 -7.65 -12.29
CA ALA C 142 -12.51 -8.80 -11.79
C ALA C 142 -13.20 -10.10 -12.17
N LEU C 143 -12.47 -11.01 -12.80
CA LEU C 143 -12.98 -12.35 -13.04
C LEU C 143 -12.31 -13.29 -12.04
N VAL C 144 -13.13 -14.02 -11.28
CA VAL C 144 -12.66 -14.80 -10.14
C VAL C 144 -12.64 -16.28 -10.50
N VAL C 145 -11.46 -16.89 -10.38
CA VAL C 145 -11.25 -18.31 -10.65
C VAL C 145 -11.33 -19.08 -9.34
N VAL C 146 -12.19 -20.10 -9.31
CA VAL C 146 -12.54 -20.84 -8.10
C VAL C 146 -12.43 -22.33 -8.37
N THR C 147 -12.34 -23.12 -7.29
CA THR C 147 -12.52 -24.56 -7.39
C THR C 147 -13.98 -24.93 -7.10
N ALA C 148 -14.34 -26.16 -7.45
CA ALA C 148 -15.61 -26.74 -7.05
C ALA C 148 -15.47 -27.64 -5.82
N ASP C 149 -14.43 -27.45 -5.02
CA ASP C 149 -14.10 -28.35 -3.94
C ASP C 149 -14.46 -27.73 -2.58
N LEU C 150 -14.38 -28.57 -1.54
CA LEU C 150 -14.66 -28.11 -0.19
C LEU C 150 -13.95 -26.79 0.11
N GLY C 151 -14.68 -25.88 0.76
CA GLY C 151 -14.14 -24.58 1.12
C GLY C 151 -14.32 -23.47 0.10
N THR C 152 -14.77 -23.78 -1.11
CA THR C 152 -14.81 -22.76 -2.16
C THR C 152 -15.86 -21.69 -1.87
N LEU C 153 -17.01 -22.08 -1.32
CA LEU C 153 -18.09 -21.11 -1.13
C LEU C 153 -17.64 -20.00 -0.18
N ASN C 154 -16.93 -20.37 0.88
CA ASN C 154 -16.39 -19.36 1.78
C ASN C 154 -15.38 -18.47 1.08
N HIS C 155 -14.37 -19.07 0.42
CA HIS C 155 -13.34 -18.28 -0.24
C HIS C 155 -13.93 -17.44 -1.36
N THR C 156 -14.97 -17.94 -2.04
CA THR C 156 -15.62 -17.11 -3.04
C THR C 156 -16.36 -15.95 -2.39
N LYS C 157 -17.16 -16.23 -1.35
CA LYS C 157 -17.90 -15.16 -0.66
C LYS C 157 -16.96 -14.08 -0.15
N LEU C 158 -15.82 -14.48 0.43
CA LEU C 158 -14.86 -13.52 0.96
C LEU C 158 -14.28 -12.64 -0.15
N THR C 159 -14.00 -13.25 -1.31
CA THR C 159 -13.44 -12.51 -2.43
C THR C 159 -14.44 -11.49 -2.97
N LEU C 160 -15.66 -11.94 -3.23
CA LEU C 160 -16.67 -11.03 -3.77
C LEU C 160 -16.97 -9.89 -2.81
N GLU C 161 -17.00 -10.16 -1.52
CA GLU C 161 -17.25 -9.09 -0.56
C GLU C 161 -16.12 -8.07 -0.59
N ALA C 162 -14.88 -8.53 -0.78
CA ALA C 162 -13.77 -7.60 -0.85
C ALA C 162 -13.79 -6.79 -2.15
N LEU C 163 -14.31 -7.36 -3.23
CA LEU C 163 -14.41 -6.62 -4.49
C LEU C 163 -15.46 -5.53 -4.40
N ALA C 164 -16.64 -5.89 -3.91
CA ALA C 164 -17.73 -4.93 -3.79
C ALA C 164 -17.37 -3.78 -2.85
N ALA C 165 -16.54 -4.04 -1.83
CA ALA C 165 -16.21 -3.02 -0.85
C ALA C 165 -15.44 -1.88 -1.50
N GLN C 166 -14.67 -2.17 -2.53
CA GLN C 166 -13.96 -1.13 -3.26
C GLN C 166 -14.59 -0.85 -4.63
N GLN C 167 -15.87 -1.23 -4.80
CA GLN C 167 -16.64 -0.97 -6.01
C GLN C 167 -15.93 -1.50 -7.28
N VAL C 168 -15.27 -2.65 -7.14
CA VAL C 168 -14.71 -3.38 -8.29
C VAL C 168 -15.75 -4.38 -8.76
N SER C 169 -16.38 -4.10 -9.91
N SER C 169 -16.38 -4.10 -9.90
CA SER C 169 -17.38 -5.00 -10.48
CA SER C 169 -17.38 -5.00 -10.48
C SER C 169 -16.81 -6.41 -10.63
C SER C 169 -16.82 -6.41 -10.65
N CYS C 170 -17.63 -7.40 -10.32
CA CYS C 170 -17.24 -8.79 -10.52
C CYS C 170 -17.74 -9.25 -11.87
N ALA C 171 -16.82 -9.61 -12.76
CA ALA C 171 -17.17 -10.04 -14.10
C ALA C 171 -17.79 -11.43 -14.12
N GLY C 172 -17.78 -12.15 -13.00
CA GLY C 172 -18.26 -13.52 -12.94
C GLY C 172 -17.24 -14.44 -12.31
N LEU C 173 -17.62 -15.71 -12.23
CA LEU C 173 -16.75 -16.78 -11.73
C LEU C 173 -16.42 -17.76 -12.85
N VAL C 174 -15.24 -18.35 -12.75
CA VAL C 174 -14.87 -19.48 -13.59
C VAL C 174 -14.34 -20.58 -12.67
N ILE C 175 -14.92 -21.77 -12.79
CA ILE C 175 -14.35 -22.94 -12.12
C ILE C 175 -13.14 -23.39 -12.93
N GLY C 176 -11.95 -23.23 -12.35
CA GLY C 176 -10.72 -23.40 -13.13
C GLY C 176 -10.53 -24.81 -13.65
N SER C 177 -10.78 -25.81 -12.80
CA SER C 177 -10.69 -27.22 -13.17
C SER C 177 -12.00 -27.91 -12.77
N TRP C 178 -12.68 -28.49 -13.75
CA TRP C 178 -13.97 -29.14 -13.52
C TRP C 178 -13.85 -30.64 -13.77
N PRO C 179 -13.94 -31.47 -12.73
CA PRO C 179 -13.70 -32.91 -12.91
C PRO C 179 -14.82 -33.59 -13.68
N ASP C 180 -14.53 -34.80 -14.15
CA ASP C 180 -15.52 -35.58 -14.87
C ASP C 180 -15.40 -37.05 -14.49
N PRO C 181 -16.43 -37.64 -13.88
CA PRO C 181 -17.68 -36.92 -13.58
C PRO C 181 -17.56 -36.14 -12.28
N PRO C 182 -18.46 -35.19 -12.04
CA PRO C 182 -18.45 -34.49 -10.75
C PRO C 182 -19.01 -35.37 -9.65
N GLY C 183 -18.26 -35.50 -8.57
CA GLY C 183 -18.79 -36.09 -7.36
C GLY C 183 -19.93 -35.25 -6.80
N LEU C 184 -20.38 -35.66 -5.61
CA LEU C 184 -21.50 -34.96 -4.97
C LEU C 184 -21.11 -33.54 -4.59
N VAL C 185 -19.97 -33.38 -3.91
CA VAL C 185 -19.52 -32.05 -3.49
C VAL C 185 -19.33 -31.13 -4.69
N ALA C 186 -18.56 -31.59 -5.68
CA ALA C 186 -18.31 -30.76 -6.87
C ALA C 186 -19.62 -30.38 -7.55
N ALA C 187 -20.55 -31.32 -7.66
CA ALA C 187 -21.82 -31.01 -8.33
C ALA C 187 -22.62 -30.01 -7.50
N SER C 188 -22.69 -30.23 -6.20
CA SER C 188 -23.44 -29.36 -5.30
C SER C 188 -22.81 -27.98 -5.20
N ASN C 189 -21.47 -27.90 -5.19
CA ASN C 189 -20.81 -26.61 -5.09
C ASN C 189 -21.02 -25.75 -6.33
N ARG C 190 -21.01 -26.37 -7.51
CA ARG C 190 -21.26 -25.61 -8.73
C ARG C 190 -22.63 -24.96 -8.71
N SER C 191 -23.67 -25.75 -8.34
CA SER C 191 -25.00 -25.16 -8.17
C SER C 191 -24.97 -24.05 -7.14
N ALA C 192 -24.23 -24.24 -6.05
CA ALA C 192 -24.21 -23.24 -5.01
C ALA C 192 -23.48 -21.98 -5.47
N LEU C 193 -22.36 -22.15 -6.16
CA LEU C 193 -21.64 -20.99 -6.69
C LEU C 193 -22.52 -20.20 -7.65
N ALA C 194 -23.33 -20.90 -8.45
CA ALA C 194 -24.18 -20.22 -9.43
C ALA C 194 -25.17 -19.26 -8.77
N ARG C 195 -25.60 -19.56 -7.55
CA ARG C 195 -26.46 -18.65 -6.81
C ARG C 195 -25.70 -17.46 -6.22
N ILE C 196 -24.37 -17.50 -6.22
CA ILE C 196 -23.56 -16.41 -5.67
C ILE C 196 -23.26 -15.35 -6.72
N ALA C 197 -22.98 -15.80 -7.94
CA ALA C 197 -22.49 -14.94 -9.01
C ALA C 197 -22.61 -15.74 -10.30
N MET C 198 -22.39 -15.05 -11.43
CA MET C 198 -22.43 -15.72 -12.72
C MET C 198 -21.24 -16.66 -12.91
N VAL C 199 -21.52 -17.89 -13.31
CA VAL C 199 -20.51 -18.90 -13.63
C VAL C 199 -20.35 -18.88 -15.14
N ARG C 200 -19.28 -18.23 -15.61
CA ARG C 200 -19.10 -18.07 -17.04
C ARG C 200 -18.61 -19.36 -17.68
N ALA C 201 -17.84 -20.15 -16.95
CA ALA C 201 -17.27 -21.36 -17.53
C ALA C 201 -16.88 -22.28 -16.40
N ALA C 202 -16.90 -23.58 -16.70
CA ALA C 202 -16.23 -24.62 -15.93
C ALA C 202 -15.29 -25.33 -16.91
N LEU C 203 -14.00 -25.09 -16.77
CA LEU C 203 -13.07 -25.65 -17.75
C LEU C 203 -12.76 -27.11 -17.44
N PRO C 204 -12.78 -27.99 -18.44
CA PRO C 204 -12.49 -29.41 -18.18
C PRO C 204 -11.07 -29.59 -17.66
N ALA C 205 -10.95 -30.43 -16.63
CA ALA C 205 -9.65 -30.71 -16.02
C ALA C 205 -8.68 -31.32 -17.03
N GLY C 206 -7.40 -30.97 -16.90
CA GLY C 206 -6.41 -31.47 -17.82
C GLY C 206 -6.33 -30.73 -19.12
N ALA C 207 -6.90 -29.52 -19.19
CA ALA C 207 -6.89 -28.76 -20.43
C ALA C 207 -5.49 -28.34 -20.85
N ALA C 208 -4.54 -28.29 -19.91
CA ALA C 208 -3.16 -27.97 -20.23
C ALA C 208 -2.51 -29.03 -21.11
N SER C 209 -3.12 -30.22 -21.20
CA SER C 209 -2.60 -31.30 -22.03
C SER C 209 -3.26 -31.37 -23.40
N LEU C 210 -4.20 -30.45 -23.70
CA LEU C 210 -4.78 -30.32 -25.04
C LEU C 210 -3.80 -29.64 -26.00
N ASP C 211 -3.81 -30.10 -27.25
CA ASP C 211 -3.08 -29.42 -28.30
C ASP C 211 -3.81 -28.14 -28.70
N ALA C 212 -3.25 -27.42 -29.67
CA ALA C 212 -3.78 -26.10 -30.01
C ALA C 212 -5.23 -26.18 -30.48
N GLY C 213 -5.57 -27.16 -31.32
CA GLY C 213 -6.92 -27.24 -31.85
C GLY C 213 -7.94 -27.68 -30.82
N ASP C 214 -7.58 -28.69 -30.02
CA ASP C 214 -8.48 -29.16 -28.96
C ASP C 214 -8.68 -28.09 -27.90
N PHE C 215 -7.62 -27.34 -27.56
CA PHE C 215 -7.77 -26.28 -26.57
C PHE C 215 -8.68 -25.17 -27.09
N ALA C 216 -8.44 -24.72 -28.33
CA ALA C 216 -9.28 -23.72 -28.96
C ALA C 216 -10.73 -24.19 -29.04
N ALA C 217 -10.94 -25.47 -29.35
CA ALA C 217 -12.30 -26.00 -29.38
C ALA C 217 -12.90 -26.02 -27.97
N MET C 218 -12.11 -26.44 -26.98
CA MET C 218 -12.58 -26.45 -25.60
C MET C 218 -12.97 -25.05 -25.16
N SER C 219 -12.11 -24.08 -25.44
CA SER C 219 -12.35 -22.71 -24.98
C SER C 219 -13.64 -22.15 -25.58
N ALA C 220 -13.80 -22.29 -26.91
CA ALA C 220 -14.99 -21.79 -27.59
C ALA C 220 -16.26 -22.40 -27.02
N ALA C 221 -16.22 -23.69 -26.69
CA ALA C 221 -17.39 -24.35 -26.12
C ALA C 221 -17.61 -23.95 -24.67
N ALA C 222 -16.54 -23.55 -23.95
CA ALA C 222 -16.62 -23.35 -22.52
C ALA C 222 -17.34 -22.05 -22.12
N PHE C 223 -17.26 -21.00 -22.94
CA PHE C 223 -17.88 -19.72 -22.62
C PHE C 223 -19.08 -19.46 -23.52
N ASP C 224 -20.02 -18.68 -22.99
CA ASP C 224 -21.09 -18.11 -23.80
C ASP C 224 -20.50 -17.05 -24.71
N ARG C 225 -20.55 -17.29 -26.03
CA ARG C 225 -19.94 -16.37 -26.98
C ARG C 225 -20.52 -14.96 -26.86
N ASN C 226 -21.78 -14.84 -26.41
CA ASN C 226 -22.37 -13.52 -26.27
C ASN C 226 -21.76 -12.74 -25.10
N TRP C 227 -21.51 -13.40 -23.97
CA TRP C 227 -20.84 -12.71 -22.88
C TRP C 227 -19.44 -12.30 -23.29
N VAL C 228 -18.74 -13.18 -24.00
CA VAL C 228 -17.39 -12.87 -24.48
C VAL C 228 -17.44 -11.66 -25.40
N ALA C 229 -18.31 -11.71 -26.41
CA ALA C 229 -18.45 -10.61 -27.36
C ALA C 229 -18.81 -9.30 -26.67
N GLY C 230 -19.65 -9.36 -25.64
CA GLY C 230 -20.08 -8.17 -24.94
C GLY C 230 -19.06 -7.57 -24.00
N LEU C 231 -17.91 -8.23 -23.82
CA LEU C 231 -16.89 -7.69 -22.92
C LEU C 231 -16.26 -6.41 -23.48
N VAL C 232 -16.17 -6.30 -24.80
CA VAL C 232 -15.48 -5.19 -25.48
C VAL C 232 -16.42 -4.49 -26.47
N HIS D 6 -22.03 -7.62 33.09
CA HIS D 6 -21.04 -7.94 32.06
C HIS D 6 -21.20 -9.38 31.55
N GLY D 7 -21.92 -10.22 32.30
CA GLY D 7 -22.12 -11.61 31.89
C GLY D 7 -20.83 -12.40 31.87
N GLY D 8 -20.70 -13.30 30.89
CA GLY D 8 -19.47 -13.98 30.61
C GLY D 8 -18.80 -13.42 29.37
N THR D 9 -17.94 -14.25 28.77
CA THR D 9 -17.28 -13.91 27.51
C THR D 9 -17.62 -14.96 26.46
N ILE D 10 -18.08 -14.51 25.29
CA ILE D 10 -18.32 -15.38 24.15
C ILE D 10 -17.26 -15.12 23.09
N LEU D 11 -16.62 -16.19 22.61
CA LEU D 11 -15.61 -16.13 21.56
C LEU D 11 -16.01 -17.09 20.46
N VAL D 12 -16.24 -16.58 19.25
CA VAL D 12 -16.33 -17.50 18.13
C VAL D 12 -14.92 -17.85 17.68
N VAL D 13 -14.69 -19.13 17.41
CA VAL D 13 -13.42 -19.60 16.86
C VAL D 13 -13.69 -19.95 15.41
N THR D 14 -13.27 -19.08 14.50
CA THR D 14 -13.43 -19.28 13.07
C THR D 14 -12.06 -19.54 12.45
N GLY D 15 -12.04 -19.81 11.15
CA GLY D 15 -10.81 -20.15 10.45
C GLY D 15 -10.86 -19.72 9.00
N THR D 16 -9.73 -19.88 8.31
CA THR D 16 -9.66 -19.49 6.90
C THR D 16 -10.11 -20.59 5.97
N GLY D 17 -10.27 -21.80 6.47
CA GLY D 17 -10.86 -22.85 5.67
C GLY D 17 -11.20 -24.03 6.53
N THR D 18 -11.50 -25.14 5.86
CA THR D 18 -11.70 -26.40 6.53
C THR D 18 -10.36 -27.05 6.86
N GLY D 19 -10.35 -27.87 7.91
CA GLY D 19 -9.17 -28.62 8.27
C GLY D 19 -8.00 -27.81 8.78
N VAL D 20 -8.22 -26.55 9.21
CA VAL D 20 -7.12 -25.69 9.64
C VAL D 20 -6.80 -25.85 11.12
N GLY D 21 -7.58 -26.62 11.87
CA GLY D 21 -7.31 -26.88 13.26
C GLY D 21 -8.21 -26.18 14.26
N LYS D 22 -9.37 -25.69 13.82
CA LYS D 22 -10.28 -25.01 14.74
C LYS D 22 -10.55 -25.87 15.98
N THR D 23 -10.78 -27.17 15.79
CA THR D 23 -11.25 -28.00 16.90
C THR D 23 -10.16 -28.16 17.97
N VAL D 24 -8.93 -28.42 17.54
CA VAL D 24 -7.86 -28.58 18.53
C VAL D 24 -7.46 -27.25 19.12
N VAL D 25 -7.67 -26.15 18.38
CA VAL D 25 -7.52 -24.83 18.98
C VAL D 25 -8.57 -24.60 20.06
N CYS D 26 -9.83 -24.98 19.80
CA CYS D 26 -10.85 -24.91 20.85
C CYS D 26 -10.44 -25.75 22.06
N ALA D 27 -9.89 -26.94 21.81
CA ALA D 27 -9.47 -27.81 22.89
C ALA D 27 -8.27 -27.23 23.62
N ALA D 28 -7.33 -26.64 22.88
CA ALA D 28 -6.13 -26.09 23.51
C ALA D 28 -6.49 -24.89 24.39
N LEU D 29 -7.32 -23.97 23.87
CA LEU D 29 -7.71 -22.82 24.68
C LEU D 29 -8.59 -23.26 25.86
N ALA D 30 -9.40 -24.30 25.67
CA ALA D 30 -10.21 -24.80 26.78
C ALA D 30 -9.33 -25.36 27.89
N SER D 31 -8.32 -26.15 27.53
CA SER D 31 -7.39 -26.66 28.54
C SER D 31 -6.66 -25.53 29.24
N ALA D 32 -6.14 -24.57 28.47
CA ALA D 32 -5.41 -23.45 29.05
C ALA D 32 -6.30 -22.67 30.01
N ALA D 33 -7.51 -22.34 29.58
CA ALA D 33 -8.43 -21.58 30.42
C ALA D 33 -8.85 -22.38 31.64
N ARG D 34 -9.15 -23.67 31.46
CA ARG D 34 -9.51 -24.51 32.61
C ARG D 34 -8.35 -24.61 33.60
N GLN D 35 -7.11 -24.74 33.09
CA GLN D 35 -5.96 -24.75 33.98
C GLN D 35 -5.79 -23.40 34.68
N ALA D 36 -6.26 -22.32 34.07
CA ALA D 36 -6.23 -21.00 34.70
C ALA D 36 -7.45 -20.72 35.57
N GLY D 37 -8.22 -21.75 35.93
CA GLY D 37 -9.35 -21.56 36.81
C GLY D 37 -10.63 -21.11 36.14
N ILE D 38 -10.68 -21.07 34.80
CA ILE D 38 -11.85 -20.58 34.07
C ILE D 38 -12.78 -21.74 33.72
N ASP D 39 -14.06 -21.60 34.05
CA ASP D 39 -15.08 -22.51 33.55
C ASP D 39 -15.27 -22.31 32.05
N VAL D 40 -15.39 -23.42 31.31
CA VAL D 40 -15.38 -23.39 29.85
C VAL D 40 -16.55 -24.22 29.33
N ALA D 41 -17.27 -23.66 28.35
CA ALA D 41 -18.25 -24.38 27.54
C ALA D 41 -17.90 -24.22 26.06
N VAL D 42 -18.21 -25.24 25.26
CA VAL D 42 -17.99 -25.17 23.83
C VAL D 42 -19.28 -25.53 23.10
N CYS D 43 -19.68 -24.69 22.16
CA CYS D 43 -20.87 -24.91 21.35
C CYS D 43 -20.46 -25.16 19.90
N LYS D 44 -20.96 -26.25 19.32
CA LYS D 44 -20.81 -26.54 17.90
C LYS D 44 -22.22 -26.73 17.34
N PRO D 45 -22.87 -25.65 16.90
CA PRO D 45 -24.31 -25.75 16.54
C PRO D 45 -24.62 -26.73 15.42
N VAL D 46 -23.78 -26.84 14.39
CA VAL D 46 -24.03 -27.76 13.28
C VAL D 46 -22.78 -28.60 13.06
N GLN D 47 -22.95 -29.93 13.05
CA GLN D 47 -21.87 -30.89 12.83
C GLN D 47 -22.19 -31.77 11.63
N THR D 48 -21.27 -31.84 10.67
CA THR D 48 -21.42 -32.69 9.49
C THR D 48 -20.45 -33.86 9.57
N GLY D 49 -20.52 -34.73 8.56
CA GLY D 49 -19.63 -35.89 8.48
C GLY D 49 -19.80 -36.90 9.59
N THR D 50 -21.03 -37.09 10.10
CA THR D 50 -21.22 -38.02 11.20
C THR D 50 -21.21 -39.48 10.76
N ALA D 51 -21.51 -39.75 9.47
CA ALA D 51 -21.43 -41.11 8.97
C ALA D 51 -20.02 -41.67 9.09
N ARG D 52 -19.01 -40.83 8.83
CA ARG D 52 -17.62 -41.24 8.97
C ARG D 52 -17.07 -41.00 10.38
N GLY D 53 -17.92 -40.60 11.32
CA GLY D 53 -17.55 -40.53 12.72
C GLY D 53 -17.12 -39.18 13.25
N ASP D 54 -17.41 -38.08 12.53
CA ASP D 54 -16.95 -36.77 12.97
C ASP D 54 -17.75 -36.29 14.17
N ASP D 55 -17.04 -35.74 15.15
CA ASP D 55 -17.68 -35.29 16.39
C ASP D 55 -16.68 -34.33 17.05
N ASP D 56 -16.75 -33.06 16.67
CA ASP D 56 -15.83 -32.07 17.20
C ASP D 56 -16.07 -31.82 18.68
N LEU D 57 -17.30 -31.93 19.14
CA LEU D 57 -17.56 -31.75 20.56
C LEU D 57 -16.92 -32.87 21.38
N ALA D 58 -16.99 -34.12 20.88
CA ALA D 58 -16.36 -35.23 21.58
C ALA D 58 -14.85 -35.08 21.63
N GLU D 59 -14.24 -34.57 20.56
CA GLU D 59 -12.80 -34.34 20.58
C GLU D 59 -12.43 -33.31 21.64
N VAL D 60 -13.21 -32.23 21.75
CA VAL D 60 -12.94 -31.24 22.80
C VAL D 60 -13.07 -31.87 24.17
N GLY D 61 -14.14 -32.66 24.37
CA GLY D 61 -14.32 -33.34 25.63
C GLY D 61 -13.15 -34.26 25.97
N ARG D 62 -12.65 -35.00 24.98
CA ARG D 62 -11.54 -35.91 25.20
C ARG D 62 -10.26 -35.16 25.51
N LEU D 63 -9.90 -34.19 24.65
CA LEU D 63 -8.62 -33.52 24.80
C LEU D 63 -8.59 -32.56 25.98
N ALA D 64 -9.74 -31.97 26.35
CA ALA D 64 -9.78 -30.88 27.30
C ALA D 64 -10.64 -31.12 28.54
N GLY D 65 -11.51 -32.14 28.53
CA GLY D 65 -12.32 -32.39 29.71
C GLY D 65 -13.53 -31.49 29.86
N VAL D 66 -13.77 -30.58 28.91
CA VAL D 66 -15.00 -29.81 28.89
C VAL D 66 -16.20 -30.76 28.92
N THR D 67 -17.22 -30.41 29.71
CA THR D 67 -18.46 -31.17 29.75
C THR D 67 -19.66 -30.41 29.19
N GLN D 68 -19.68 -29.08 29.29
CA GLN D 68 -20.74 -28.29 28.67
C GLN D 68 -20.41 -28.14 27.20
N LEU D 69 -20.97 -29.06 26.43
CA LEU D 69 -20.66 -29.30 25.02
C LEU D 69 -22.01 -29.34 24.30
N ALA D 70 -22.37 -28.24 23.64
CA ALA D 70 -23.72 -28.01 23.16
C ALA D 70 -23.79 -28.07 21.65
N GLY D 71 -24.80 -28.77 21.13
CA GLY D 71 -24.98 -28.90 19.69
C GLY D 71 -26.45 -28.97 19.31
N LEU D 72 -26.75 -28.53 18.08
CA LEU D 72 -28.13 -28.47 17.60
C LEU D 72 -28.47 -29.45 16.49
N ALA D 73 -27.50 -29.82 15.64
CA ALA D 73 -27.83 -30.64 14.49
C ALA D 73 -26.62 -31.44 14.06
N ARG D 74 -26.88 -32.59 13.43
CA ARG D 74 -25.85 -33.50 12.94
C ARG D 74 -26.26 -34.04 11.57
N TYR D 75 -25.36 -33.92 10.58
CA TYR D 75 -25.69 -34.47 9.27
C TYR D 75 -24.68 -35.54 8.87
N PRO D 76 -25.13 -36.61 8.20
CA PRO D 76 -24.21 -37.73 7.95
C PRO D 76 -23.17 -37.43 6.89
N GLN D 77 -23.47 -36.54 5.96
CA GLN D 77 -22.60 -36.36 4.79
C GLN D 77 -21.39 -35.49 5.14
N PRO D 78 -20.20 -35.84 4.64
CA PRO D 78 -19.00 -34.98 4.75
C PRO D 78 -19.04 -33.80 3.79
N MET D 79 -19.89 -32.82 4.09
CA MET D 79 -20.11 -31.68 3.22
C MET D 79 -20.26 -30.43 4.08
N ALA D 80 -20.33 -29.28 3.42
CA ALA D 80 -20.70 -28.06 4.10
C ALA D 80 -22.13 -28.18 4.64
N PRO D 81 -22.44 -27.49 5.74
CA PRO D 81 -23.80 -27.55 6.31
C PRO D 81 -24.94 -27.40 5.31
N ALA D 82 -24.86 -26.45 4.38
CA ALA D 82 -25.97 -26.28 3.44
C ALA D 82 -26.07 -27.47 2.49
N ALA D 83 -24.94 -27.88 1.92
CA ALA D 83 -24.93 -29.09 1.11
C ALA D 83 -25.43 -30.29 1.91
N ALA D 84 -24.88 -30.49 3.11
CA ALA D 84 -25.23 -31.67 3.89
C ALA D 84 -26.72 -31.73 4.15
N ALA D 85 -27.34 -30.57 4.36
CA ALA D 85 -28.78 -30.52 4.59
C ALA D 85 -29.55 -30.80 3.30
N GLU D 86 -29.10 -30.25 2.17
CA GLU D 86 -29.83 -30.47 0.92
C GLU D 86 -29.82 -31.94 0.55
N HIS D 87 -28.68 -32.61 0.73
CA HIS D 87 -28.60 -34.05 0.49
C HIS D 87 -29.58 -34.81 1.38
N ALA D 88 -29.55 -34.55 2.69
CA ALA D 88 -30.43 -35.25 3.62
C ALA D 88 -31.90 -34.89 3.42
N GLY D 89 -32.19 -33.82 2.71
CA GLY D 89 -33.57 -33.40 2.57
C GLY D 89 -34.16 -32.74 3.80
N MET D 90 -33.32 -32.21 4.69
CA MET D 90 -33.78 -31.56 5.92
C MET D 90 -33.08 -30.22 6.07
N ALA D 91 -33.82 -29.22 6.57
CA ALA D 91 -33.30 -27.86 6.68
C ALA D 91 -32.28 -27.74 7.82
N LEU D 92 -31.48 -26.67 7.74
CA LEU D 92 -30.61 -26.26 8.83
C LEU D 92 -31.44 -25.63 9.95
N PRO D 93 -30.88 -25.51 11.16
CA PRO D 93 -31.62 -24.87 12.24
C PRO D 93 -31.95 -23.42 11.91
N ALA D 94 -32.87 -22.85 12.68
CA ALA D 94 -33.14 -21.42 12.54
C ALA D 94 -32.03 -20.61 13.20
N ARG D 95 -31.91 -19.36 12.75
CA ARG D 95 -30.99 -18.42 13.37
C ARG D 95 -31.31 -18.27 14.84
N ASP D 96 -32.59 -18.17 15.17
CA ASP D 96 -33.05 -18.13 16.55
C ASP D 96 -32.37 -19.20 17.39
N GLN D 97 -32.40 -20.45 16.93
CA GLN D 97 -31.89 -21.55 17.74
C GLN D 97 -30.42 -21.35 18.07
N ILE D 98 -29.61 -20.99 17.08
CA ILE D 98 -28.17 -20.89 17.30
C ILE D 98 -27.88 -19.76 18.29
N VAL D 99 -28.48 -18.59 18.08
CA VAL D 99 -28.12 -17.43 18.89
C VAL D 99 -28.55 -17.64 20.35
N ARG D 100 -29.76 -18.17 20.54
CA ARG D 100 -30.28 -18.36 21.89
C ARG D 100 -29.53 -19.46 22.62
N LEU D 101 -29.19 -20.55 21.93
CA LEU D 101 -28.34 -21.59 22.52
C LEU D 101 -27.04 -20.98 23.05
N ILE D 102 -26.35 -20.22 22.20
CA ILE D 102 -25.11 -19.57 22.62
C ILE D 102 -25.38 -18.62 23.78
N ALA D 103 -26.45 -17.83 23.70
CA ALA D 103 -26.71 -16.84 24.75
C ALA D 103 -27.04 -17.52 26.07
N ASP D 104 -27.81 -18.62 26.04
CA ASP D 104 -28.17 -19.34 27.24
C ASP D 104 -26.96 -20.03 27.88
N LEU D 105 -25.98 -20.44 27.07
CA LEU D 105 -24.75 -21.03 27.58
C LEU D 105 -23.93 -20.02 28.35
N ASP D 106 -24.01 -18.76 27.96
CA ASP D 106 -23.17 -17.70 28.50
C ASP D 106 -23.52 -17.42 29.96
N ARG D 107 -22.51 -17.36 30.82
CA ARG D 107 -22.77 -17.03 32.21
C ARG D 107 -21.53 -16.41 32.84
N PRO D 108 -21.70 -15.57 33.86
CA PRO D 108 -20.55 -15.00 34.59
C PRO D 108 -19.49 -16.04 34.96
N GLY D 109 -18.23 -15.65 34.74
CA GLY D 109 -17.09 -16.49 35.01
C GLY D 109 -16.75 -17.50 33.93
N ARG D 110 -17.54 -17.58 32.87
CA ARG D 110 -17.41 -18.63 31.86
C ARG D 110 -16.89 -18.08 30.54
N LEU D 111 -15.93 -18.80 29.96
CA LEU D 111 -15.53 -18.61 28.57
C LEU D 111 -16.29 -19.62 27.69
N THR D 112 -17.14 -19.11 26.79
CA THR D 112 -17.90 -19.94 25.87
C THR D 112 -17.31 -19.81 24.47
N LEU D 113 -16.74 -20.91 23.96
CA LEU D 113 -16.18 -20.97 22.62
C LEU D 113 -17.22 -21.52 21.66
N VAL D 114 -17.37 -20.89 20.50
CA VAL D 114 -18.35 -21.30 19.49
C VAL D 114 -17.60 -21.66 18.21
N GLU D 115 -17.66 -22.93 17.82
CA GLU D 115 -17.04 -23.39 16.58
C GLU D 115 -18.10 -23.43 15.48
N GLY D 116 -17.76 -22.88 14.31
CA GLY D 116 -18.62 -22.97 13.16
C GLY D 116 -18.30 -24.20 12.34
N ALA D 117 -18.62 -24.14 11.06
CA ALA D 117 -18.17 -25.19 10.14
C ALA D 117 -17.28 -24.53 9.08
N GLY D 118 -16.01 -24.91 9.07
CA GLY D 118 -15.00 -24.29 8.24
C GLY D 118 -14.82 -22.81 8.42
N GLY D 119 -15.20 -22.04 7.39
CA GLY D 119 -14.88 -20.64 7.29
C GLY D 119 -16.01 -19.71 7.73
N LEU D 120 -15.64 -18.42 7.82
CA LEU D 120 -16.47 -17.41 8.48
C LEU D 120 -17.83 -17.27 7.81
N LEU D 121 -17.88 -17.29 6.47
CA LEU D 121 -19.10 -16.97 5.76
C LEU D 121 -19.83 -18.21 5.27
N VAL D 122 -19.53 -19.36 5.85
CA VAL D 122 -20.28 -20.55 5.50
C VAL D 122 -21.65 -20.47 6.15
N GLU D 123 -22.70 -20.74 5.37
CA GLU D 123 -24.08 -20.78 5.87
C GLU D 123 -24.21 -21.78 7.01
N LEU D 124 -24.62 -21.31 8.19
CA LEU D 124 -24.84 -22.14 9.37
C LEU D 124 -26.31 -22.36 9.72
N ALA D 125 -27.17 -21.36 9.56
CA ALA D 125 -28.58 -21.46 9.93
C ALA D 125 -29.47 -20.94 8.81
N GLU D 126 -30.82 -21.05 9.03
CA GLU D 126 -32.00 -20.76 8.19
C GLU D 126 -31.67 -20.06 6.87
N PRO D 127 -31.92 -18.72 6.58
CA PRO D 127 -31.42 -18.26 5.28
C PRO D 127 -30.11 -17.49 5.38
N GLY D 128 -29.05 -18.06 4.80
CA GLY D 128 -27.75 -17.40 4.68
C GLY D 128 -27.09 -16.87 5.95
N VAL D 129 -27.49 -17.38 7.11
CA VAL D 129 -26.88 -16.95 8.37
C VAL D 129 -25.51 -17.59 8.49
N THR D 130 -24.50 -16.76 8.80
CA THR D 130 -23.12 -17.19 8.93
C THR D 130 -22.67 -17.00 10.37
N LEU D 131 -21.52 -17.59 10.70
CA LEU D 131 -20.95 -17.40 12.03
C LEU D 131 -20.68 -15.93 12.31
N ARG D 132 -20.47 -15.12 11.26
CA ARG D 132 -20.29 -13.67 11.46
C ARG D 132 -21.56 -13.02 12.00
N ASP D 133 -22.71 -13.33 11.37
CA ASP D 133 -23.99 -12.86 11.89
C ASP D 133 -24.16 -13.27 13.36
N VAL D 134 -23.80 -14.51 13.67
CA VAL D 134 -23.93 -14.98 15.06
C VAL D 134 -23.10 -14.11 16.00
N ALA D 135 -21.87 -13.77 15.60
CA ALA D 135 -20.99 -12.99 16.47
C ALA D 135 -21.58 -11.62 16.77
N VAL D 136 -22.14 -10.94 15.74
CA VAL D 136 -22.79 -9.65 15.97
C VAL D 136 -23.88 -9.79 17.04
N ASP D 137 -24.76 -10.78 16.86
CA ASP D 137 -25.97 -10.88 17.67
C ASP D 137 -25.69 -11.19 19.14
N VAL D 138 -24.56 -11.82 19.47
CA VAL D 138 -24.23 -12.09 20.86
C VAL D 138 -23.03 -11.29 21.34
N ALA D 139 -22.58 -10.32 20.53
CA ALA D 139 -21.46 -9.43 20.89
C ALA D 139 -20.21 -10.23 21.22
N ALA D 140 -19.90 -11.20 20.36
CA ALA D 140 -18.71 -12.01 20.51
C ALA D 140 -17.62 -11.50 19.58
N ALA D 141 -16.39 -11.46 20.10
CA ALA D 141 -15.20 -11.31 19.26
C ALA D 141 -14.90 -12.63 18.53
N ALA D 142 -14.03 -12.56 17.52
CA ALA D 142 -13.68 -13.73 16.70
C ALA D 142 -12.19 -14.04 16.81
N LEU D 143 -11.86 -15.27 17.20
CA LEU D 143 -10.50 -15.79 17.13
C LEU D 143 -10.34 -16.53 15.81
N VAL D 144 -9.29 -16.20 15.04
CA VAL D 144 -9.17 -16.65 13.66
C VAL D 144 -8.02 -17.65 13.55
N VAL D 145 -8.34 -18.90 13.20
CA VAL D 145 -7.34 -19.96 13.04
C VAL D 145 -6.88 -20.00 11.60
N VAL D 146 -5.56 -20.07 11.39
CA VAL D 146 -4.99 -19.93 10.07
C VAL D 146 -3.96 -21.03 9.85
N THR D 147 -3.60 -21.24 8.58
CA THR D 147 -2.45 -22.09 8.29
C THR D 147 -1.17 -21.26 8.25
N ALA D 148 -0.04 -21.96 8.17
CA ALA D 148 1.25 -21.33 7.93
C ALA D 148 1.67 -21.42 6.48
N ASP D 149 0.77 -21.88 5.62
CA ASP D 149 1.11 -22.29 4.27
C ASP D 149 0.81 -21.19 3.26
N LEU D 150 1.33 -21.41 2.05
CA LEU D 150 1.07 -20.53 0.91
C LEU D 150 -0.40 -20.18 0.83
N GLY D 151 -0.69 -18.87 0.75
CA GLY D 151 -2.06 -18.41 0.63
C GLY D 151 -2.69 -17.96 1.93
N THR D 152 -2.05 -18.26 3.07
CA THR D 152 -2.64 -17.88 4.35
C THR D 152 -2.80 -16.37 4.47
N LEU D 153 -1.85 -15.61 3.92
CA LEU D 153 -1.90 -14.16 4.05
C LEU D 153 -3.10 -13.58 3.31
N ASN D 154 -3.36 -14.05 2.09
CA ASN D 154 -4.53 -13.57 1.36
C ASN D 154 -5.81 -13.92 2.10
N HIS D 155 -5.92 -15.17 2.58
CA HIS D 155 -7.14 -15.62 3.23
C HIS D 155 -7.32 -14.96 4.60
N THR D 156 -6.23 -14.74 5.35
CA THR D 156 -6.35 -14.04 6.62
C THR D 156 -6.80 -12.60 6.41
N LYS D 157 -6.24 -11.92 5.40
CA LYS D 157 -6.65 -10.55 5.13
C LYS D 157 -8.11 -10.48 4.68
N LEU D 158 -8.54 -11.38 3.79
CA LEU D 158 -9.94 -11.39 3.38
C LEU D 158 -10.86 -11.65 4.57
N THR D 159 -10.40 -12.46 5.53
CA THR D 159 -11.22 -12.76 6.70
C THR D 159 -11.28 -11.58 7.67
N LEU D 160 -10.14 -10.94 7.94
CA LEU D 160 -10.14 -9.77 8.83
C LEU D 160 -10.94 -8.60 8.24
N GLU D 161 -10.90 -8.43 6.90
CA GLU D 161 -11.77 -7.42 6.29
C GLU D 161 -13.24 -7.75 6.48
N ALA D 162 -13.60 -9.03 6.35
CA ALA D 162 -15.01 -9.40 6.52
C ALA D 162 -15.48 -9.22 7.96
N LEU D 163 -14.59 -9.47 8.94
CA LEU D 163 -14.93 -9.18 10.34
C LEU D 163 -15.15 -7.68 10.56
N ALA D 164 -14.17 -6.86 10.16
CA ALA D 164 -14.24 -5.42 10.42
C ALA D 164 -15.45 -4.78 9.73
N ALA D 165 -15.92 -5.38 8.63
CA ALA D 165 -17.04 -4.81 7.89
C ALA D 165 -18.33 -4.83 8.70
N GLN D 166 -18.50 -5.81 9.59
CA GLN D 166 -19.66 -5.84 10.49
C GLN D 166 -19.25 -5.57 11.93
N GLN D 167 -18.11 -4.90 12.13
CA GLN D 167 -17.65 -4.45 13.45
C GLN D 167 -17.53 -5.60 14.44
N VAL D 168 -17.05 -6.75 13.97
CA VAL D 168 -16.71 -7.87 14.84
C VAL D 168 -15.23 -7.79 15.19
N SER D 169 -14.94 -7.48 16.45
CA SER D 169 -13.56 -7.39 16.88
C SER D 169 -12.83 -8.71 16.59
N CYS D 170 -11.62 -8.59 16.06
CA CYS D 170 -10.74 -9.73 15.89
C CYS D 170 -9.92 -9.89 17.15
N ALA D 171 -10.11 -10.99 17.85
CA ALA D 171 -9.40 -11.25 19.09
C ALA D 171 -7.99 -11.79 18.86
N GLY D 172 -7.60 -11.98 17.61
CA GLY D 172 -6.27 -12.45 17.29
C GLY D 172 -6.31 -13.65 16.37
N LEU D 173 -5.12 -14.16 16.08
CA LEU D 173 -4.93 -15.29 15.18
C LEU D 173 -4.31 -16.43 15.95
N VAL D 174 -4.60 -17.66 15.52
CA VAL D 174 -3.88 -18.84 15.97
C VAL D 174 -3.45 -19.62 14.74
N ILE D 175 -2.18 -20.00 14.70
CA ILE D 175 -1.71 -20.94 13.69
C ILE D 175 -2.08 -22.32 14.20
N GLY D 176 -3.09 -22.94 13.58
CA GLY D 176 -3.66 -24.15 14.11
C GLY D 176 -2.72 -25.34 14.10
N SER D 177 -1.79 -25.39 13.14
CA SER D 177 -0.78 -26.44 13.08
C SER D 177 0.53 -25.82 12.62
N TRP D 178 1.55 -25.90 13.48
CA TRP D 178 2.87 -25.34 13.23
C TRP D 178 3.89 -26.46 13.04
N PRO D 179 4.46 -26.63 11.85
CA PRO D 179 5.22 -27.85 11.56
C PRO D 179 6.58 -27.87 12.26
N ASP D 180 7.18 -29.06 12.26
CA ASP D 180 8.53 -29.24 12.77
C ASP D 180 9.30 -30.19 11.86
N PRO D 181 10.32 -29.69 11.13
CA PRO D 181 10.75 -28.28 11.19
C PRO D 181 9.98 -27.39 10.21
N PRO D 182 9.99 -26.08 10.44
CA PRO D 182 9.23 -25.14 9.61
C PRO D 182 10.00 -24.74 8.35
N GLY D 183 9.38 -24.96 7.19
CA GLY D 183 10.02 -24.64 5.92
C GLY D 183 10.12 -23.14 5.64
N LEU D 184 10.61 -22.82 4.44
CA LEU D 184 10.79 -21.42 4.06
C LEU D 184 9.47 -20.66 4.06
N VAL D 185 8.41 -21.25 3.50
CA VAL D 185 7.13 -20.55 3.42
C VAL D 185 6.52 -20.40 4.81
N ALA D 186 6.50 -21.49 5.58
CA ALA D 186 5.94 -21.45 6.93
C ALA D 186 6.64 -20.42 7.79
N ALA D 187 7.97 -20.39 7.77
CA ALA D 187 8.71 -19.43 8.57
C ALA D 187 8.42 -18.00 8.13
N SER D 188 8.44 -17.77 6.81
CA SER D 188 8.10 -16.46 6.26
C SER D 188 6.72 -16.02 6.69
N ASN D 189 5.74 -16.93 6.64
CA ASN D 189 4.35 -16.59 6.92
C ASN D 189 4.12 -16.25 8.39
N ARG D 190 4.82 -16.95 9.30
CA ARG D 190 4.66 -16.64 10.72
C ARG D 190 5.02 -15.21 11.01
N SER D 191 6.17 -14.74 10.49
CA SER D 191 6.54 -13.35 10.69
C SER D 191 5.50 -12.43 10.08
N ALA D 192 5.03 -12.77 8.87
CA ALA D 192 4.13 -11.87 8.15
C ALA D 192 2.75 -11.82 8.78
N LEU D 193 2.26 -12.94 9.33
CA LEU D 193 1.00 -12.88 10.05
C LEU D 193 1.10 -11.97 11.27
N ALA D 194 2.23 -12.01 11.99
CA ALA D 194 2.38 -11.18 13.19
C ALA D 194 2.35 -9.68 12.88
N ARG D 195 2.59 -9.29 11.63
CA ARG D 195 2.38 -7.90 11.26
C ARG D 195 0.93 -7.61 10.91
N ILE D 196 0.12 -8.63 10.64
CA ILE D 196 -1.30 -8.44 10.37
C ILE D 196 -2.07 -8.26 11.68
N ALA D 197 -1.83 -9.14 12.65
CA ALA D 197 -2.64 -9.18 13.85
C ALA D 197 -1.89 -9.97 14.91
N MET D 198 -2.38 -9.92 16.14
CA MET D 198 -1.75 -10.65 17.22
C MET D 198 -1.84 -12.14 16.97
N VAL D 199 -0.71 -12.84 17.03
CA VAL D 199 -0.69 -14.30 16.91
C VAL D 199 -0.69 -14.82 18.33
N ARG D 200 -1.87 -15.25 18.80
CA ARG D 200 -2.02 -15.67 20.19
C ARG D 200 -1.30 -16.99 20.48
N ALA D 201 -1.13 -17.85 19.48
CA ALA D 201 -0.56 -19.17 19.68
C ALA D 201 -0.26 -19.77 18.32
N ALA D 202 0.72 -20.67 18.32
CA ALA D 202 1.03 -21.53 17.18
C ALA D 202 1.06 -22.96 17.70
N LEU D 203 0.06 -23.74 17.34
CA LEU D 203 -0.06 -25.03 18.00
C LEU D 203 0.84 -26.06 17.34
N PRO D 204 1.48 -26.94 18.12
CA PRO D 204 2.33 -27.98 17.51
C PRO D 204 1.55 -28.92 16.62
N ALA D 205 2.12 -29.22 15.46
CA ALA D 205 1.52 -30.19 14.56
C ALA D 205 1.43 -31.55 15.22
N GLY D 206 0.32 -32.24 14.98
CA GLY D 206 0.09 -33.51 15.62
C GLY D 206 -0.39 -33.44 17.05
N ALA D 207 -0.94 -32.29 17.48
CA ALA D 207 -1.30 -32.12 18.89
C ALA D 207 -2.49 -32.96 19.30
N ALA D 208 -3.33 -33.36 18.34
CA ALA D 208 -4.44 -34.26 18.66
C ALA D 208 -3.99 -35.65 19.11
N SER D 209 -2.72 -35.99 18.90
CA SER D 209 -2.23 -37.33 19.24
C SER D 209 -1.53 -37.39 20.59
N LEU D 210 -1.49 -36.30 21.35
CA LEU D 210 -0.82 -36.23 22.64
C LEU D 210 -1.71 -36.79 23.74
N ASP D 211 -1.10 -37.29 24.82
CA ASP D 211 -1.92 -37.91 25.86
C ASP D 211 -2.70 -36.86 26.63
N ALA D 212 -2.41 -36.73 27.91
CA ALA D 212 -3.17 -35.84 28.77
C ALA D 212 -2.21 -34.96 29.55
N GLY D 213 -1.12 -35.57 30.03
CA GLY D 213 -0.02 -34.78 30.57
C GLY D 213 0.58 -33.89 29.50
N ASP D 214 0.82 -34.44 28.32
CA ASP D 214 1.45 -33.65 27.26
C ASP D 214 0.49 -32.61 26.70
N PHE D 215 -0.78 -32.98 26.48
CA PHE D 215 -1.69 -32.02 25.87
C PHE D 215 -1.97 -30.84 26.82
N ALA D 216 -2.30 -31.14 28.08
CA ALA D 216 -2.46 -30.08 29.06
C ALA D 216 -1.22 -29.18 29.09
N ALA D 217 -0.04 -29.79 29.05
CA ALA D 217 1.21 -29.02 29.11
C ALA D 217 1.38 -28.17 27.87
N MET D 218 1.12 -28.74 26.70
CA MET D 218 1.20 -27.97 25.46
C MET D 218 0.26 -26.78 25.49
N SER D 219 -1.01 -27.02 25.85
CA SER D 219 -2.01 -25.96 25.81
C SER D 219 -1.65 -24.83 26.76
N ALA D 220 -1.24 -25.16 27.99
CA ALA D 220 -0.85 -24.12 28.94
C ALA D 220 0.36 -23.34 28.45
N ALA D 221 1.27 -23.98 27.72
CA ALA D 221 2.48 -23.32 27.27
C ALA D 221 2.30 -22.57 25.95
N ALA D 222 1.26 -22.90 25.18
CA ALA D 222 1.10 -22.32 23.86
C ALA D 222 0.44 -20.94 23.88
N PHE D 223 -0.28 -20.59 24.94
CA PHE D 223 -0.92 -19.30 25.05
C PHE D 223 -0.27 -18.46 26.15
N ASP D 224 -0.34 -17.15 25.98
CA ASP D 224 0.13 -16.23 27.03
C ASP D 224 -0.87 -16.25 28.18
N ARG D 225 -0.44 -16.77 29.34
CA ARG D 225 -1.36 -16.93 30.47
C ARG D 225 -2.06 -15.61 30.80
N ASN D 226 -1.35 -14.50 30.71
CA ASN D 226 -1.98 -13.21 30.98
C ASN D 226 -3.04 -12.87 29.94
N TRP D 227 -2.91 -13.38 28.71
CA TRP D 227 -3.98 -13.18 27.75
C TRP D 227 -5.19 -14.05 28.11
N VAL D 228 -4.93 -15.33 28.38
CA VAL D 228 -6.01 -16.25 28.74
C VAL D 228 -6.78 -15.73 29.96
N ALA D 229 -6.04 -15.37 31.02
CA ALA D 229 -6.70 -14.92 32.25
C ALA D 229 -7.52 -13.66 32.04
N GLY D 230 -7.18 -12.86 31.02
CA GLY D 230 -7.91 -11.64 30.70
C GLY D 230 -9.14 -11.84 29.84
N LEU D 231 -9.31 -13.04 29.26
CA LEU D 231 -10.56 -13.33 28.55
C LEU D 231 -11.75 -13.29 29.52
N VAL D 232 -11.53 -13.76 30.76
CA VAL D 232 -12.52 -13.74 31.84
C VAL D 232 -13.89 -14.20 31.37
#